data_8WT6
#
_entry.id   8WT6
#
_cell.length_a   1.00
_cell.length_b   1.00
_cell.length_c   1.00
_cell.angle_alpha   90.00
_cell.angle_beta   90.00
_cell.angle_gamma   90.00
#
_symmetry.space_group_name_H-M   'P 1'
#
loop_
_entity.id
_entity.type
_entity.pdbx_description
1 polymer 'IS621 transposase'
2 polymer 'bridge RNA'
3 polymer 'target DNA'
4 polymer 'target DNA'
5 polymer 'donor DNA'
6 polymer 'donor DNA'
7 non-polymer 'MAGNESIUM ION'
8 water water
#
loop_
_entity_poly.entity_id
_entity_poly.type
_entity_poly.pdbx_seq_one_letter_code
_entity_poly.pdbx_strand_id
1 'polypeptide(L)'
;GPMEHELHYIGIDTAKEKLDVDVLRPDGRHRTKKFANTTKGHDELVSWLKGHKIDHAHICIEATGTYMEPVAECLYDAGY
IVSVINPALGKAFAQSEGLRNKTDTVDARMLAEFCRQKRPAAWEAPHPLERALRALVVRHQALTDMHTQELNRTETAREV
QRPSIDAHLLWLEAELKRLEKQIKDLTDDDPDMKHRRKLLESIPGIGEKTSAVLLAYIGLKDRFAHARQFAAFAGLTPRR
YESGSSVRGASRMSKAGHVSLRRALYMPAMVATSKTEWGRAFRDRLAANGKKGKVILGAMMRKLAQVAYGVLKSGVPFDA
SRHNPVAA
;
A,B,C,D
2 'polyribonucleotide'
;GGGAGUGCAGAGAAAAUCGGCCAGUUUUCUCUGCCUGCAGUCCGCAUGCCGUAUCGGGCCUUGGGUUCUAACCUGUUGCG
UAGAUUUAUGCAGCGGACUGCCUUUCUCCCAAAGUGAUAAACCGGACAGUAUCAUGGACCGGUUUUCCCGGUAAUCCGUA
UUUGCAAGGUUGGUUUCACU
;
E,F
3 'polydeoxyribonucleotide'
;(DG)(DC)(DC)(DG)(DG)(DG)(DT)(DA)(DA)(DT)(DA)(DC)(DC)(DA)(DC)(DC)(DA)(DA)(DG)(DT)
(DC)(DT)(DT)(DC)(DT)(DA)(DC)(DA)(DG)(DA)(DT)(DG)(DA)(DG)(DC)(DT)(DC)(DG)
;
G
4 'polydeoxyribonucleotide'
;(DC)(DG)(DA)(DG)(DC)(DT)(DC)(DA)(DT)(DC)(DT)(DG)(DT)(DA)(DG)(DG)(DC)(DC)(DT)(DG)
(DA)(DT)(DG)(DG)(DT)(DG)(DG)(DT)(DA)(DT)(DT)(DA)(DC)(DC)(DC)(DG)(DG)(DC)
;
H
5 'polydeoxyribonucleotide'
;(DT)(DG)(DC)(DA)(DG)(DG)(DC)(DC)(DA)(DT)(DA)(DA)(DG)(DT)(DC)(DA)(DT)(DA)(DC)(DT)
(DT)(DG)(DT)(DA)(DT)(DT)(DA)(DT)(DC)(DC)(DC)(DT)(DC)(DC)(DA)(DG)(DT)(DG)(DC)(DA)
(DG)(DA)(DG)(DA)
;
I
6 'polydeoxyribonucleotide'
;(DT)(DC)(DT)(DC)(DT)(DG)(DC)(DA)(DC)(DT)(DG)(DG)(DA)(DG)(DG)(DG)(DA)(DT)(DA)(DA)
(DT)(DA)(DC)(DA)(DA)(DG)(DA)(DT)(DA)(DC)(DT)(DG)(DT)(DT)(DA)(DT)(DG)(DG)(DC)(DC)
(DT)(DG)(DC)(DA)
;
J
#
# COMPACT_ATOMS: atom_id res chain seq x y z
N GLU A 6 21.90 32.72 28.73
CA GLU A 6 20.72 33.07 29.58
C GLU A 6 19.42 32.77 28.85
N LEU A 7 19.48 32.44 27.55
CA LEU A 7 18.31 32.13 26.76
C LEU A 7 17.82 30.72 27.08
N HIS A 8 16.54 30.60 27.46
CA HIS A 8 15.89 29.32 27.69
C HIS A 8 15.24 28.85 26.40
N TYR A 9 15.10 27.53 26.24
CA TYR A 9 14.42 26.95 25.10
C TYR A 9 13.21 26.17 25.63
N ILE A 10 12.02 26.48 25.10
CA ILE A 10 10.79 25.92 25.63
C ILE A 10 10.02 25.22 24.51
N GLY A 11 9.65 23.96 24.73
CA GLY A 11 8.76 23.23 23.84
C GLY A 11 7.34 23.23 24.41
N ILE A 12 6.33 23.37 23.54
CA ILE A 12 4.94 23.22 23.96
C ILE A 12 4.24 22.27 23.01
N ASP A 13 3.80 21.10 23.52
CA ASP A 13 2.88 20.25 22.79
C ASP A 13 1.45 20.75 23.09
N THR A 14 0.57 20.64 22.09
CA THR A 14 -0.71 21.31 22.12
C THR A 14 -1.80 20.29 21.87
N ALA A 15 -2.84 20.36 22.71
CA ALA A 15 -4.08 19.64 22.48
C ALA A 15 -5.21 20.65 22.63
N LYS A 16 -6.45 20.20 22.39
CA LYS A 16 -7.62 21.07 22.53
C LYS A 16 -7.73 21.57 23.96
N GLU A 17 -7.52 20.69 24.95
CA GLU A 17 -7.85 20.98 26.34
C GLU A 17 -6.63 21.32 27.19
N LYS A 18 -5.46 20.73 26.88
CA LYS A 18 -4.29 20.84 27.73
C LYS A 18 -3.05 21.24 26.92
N LEU A 19 -2.04 21.77 27.63
CA LEU A 19 -0.72 22.04 27.09
C LEU A 19 0.33 21.31 27.93
N ASP A 20 1.26 20.62 27.28
CA ASP A 20 2.44 20.08 27.94
C ASP A 20 3.62 21.00 27.64
N VAL A 21 4.23 21.56 28.69
CA VAL A 21 5.31 22.52 28.55
C VAL A 21 6.60 21.90 29.09
N ASP A 22 7.72 22.12 28.38
CA ASP A 22 9.02 21.59 28.76
C ASP A 22 10.07 22.68 28.59
N VAL A 23 10.74 23.05 29.68
CA VAL A 23 11.70 24.15 29.67
C VAL A 23 13.11 23.56 29.77
N LEU A 24 13.92 23.82 28.74
CA LEU A 24 15.32 23.44 28.74
C LEU A 24 16.15 24.65 29.17
N ARG A 25 16.91 24.48 30.27
CA ARG A 25 17.64 25.57 30.90
C ARG A 25 19.03 25.66 30.29
N PRO A 26 19.75 26.81 30.41
CA PRO A 26 21.14 26.90 29.95
C PRO A 26 22.05 25.79 30.47
N ASP A 27 21.89 25.42 31.75
CA ASP A 27 22.74 24.42 32.37
C ASP A 27 22.42 23.02 31.83
N GLY A 28 21.23 22.84 31.25
CA GLY A 28 20.90 21.64 30.49
C GLY A 28 19.85 20.78 31.18
N ARG A 29 19.33 21.24 32.33
CA ARG A 29 18.30 20.52 33.06
C ARG A 29 16.92 20.98 32.61
N HIS A 30 15.91 20.15 32.85
CA HIS A 30 14.55 20.37 32.36
C HIS A 30 13.61 20.71 33.51
N ARG A 31 12.61 21.56 33.21
CA ARG A 31 11.47 21.80 34.08
C ARG A 31 10.21 21.61 33.25
N THR A 32 9.21 20.91 33.80
CA THR A 32 8.03 20.54 33.04
C THR A 32 6.77 20.82 33.87
N LYS A 33 5.66 21.08 33.18
CA LYS A 33 4.36 21.28 33.81
C LYS A 33 3.27 21.20 32.75
N LYS A 34 2.06 20.81 33.17
CA LYS A 34 0.90 20.77 32.30
C LYS A 34 -0.02 21.93 32.67
N PHE A 35 -0.74 22.46 31.67
CA PHE A 35 -1.65 23.58 31.89
C PHE A 35 -2.92 23.35 31.08
N ALA A 36 -4.02 23.98 31.52
CA ALA A 36 -5.25 24.00 30.74
C ALA A 36 -5.05 24.91 29.54
N ASN A 37 -5.63 24.54 28.40
CA ASN A 37 -5.48 25.31 27.18
C ASN A 37 -6.56 26.38 27.16
N THR A 38 -6.49 27.31 28.12
CA THR A 38 -7.52 28.31 28.34
C THR A 38 -6.85 29.63 28.73
N THR A 39 -7.63 30.72 28.76
CA THR A 39 -7.10 32.02 29.13
C THR A 39 -6.47 31.95 30.52
N LYS A 40 -7.13 31.25 31.45
CA LYS A 40 -6.65 31.11 32.82
C LYS A 40 -5.38 30.27 32.82
N GLY A 41 -5.40 29.17 32.06
CA GLY A 41 -4.24 28.31 31.90
C GLY A 41 -3.03 29.06 31.35
N HIS A 42 -3.27 29.95 30.38
CA HIS A 42 -2.20 30.70 29.74
C HIS A 42 -1.61 31.72 30.71
N ASP A 43 -2.44 32.26 31.60
CA ASP A 43 -1.96 33.19 32.62
C ASP A 43 -1.10 32.44 33.64
N GLU A 44 -1.52 31.22 34.00
CA GLU A 44 -0.76 30.37 34.90
C GLU A 44 0.61 30.04 34.29
N LEU A 45 0.65 29.85 32.96
CA LEU A 45 1.87 29.54 32.26
C LEU A 45 2.87 30.70 32.37
N VAL A 46 2.40 31.93 32.17
CA VAL A 46 3.28 33.09 32.19
C VAL A 46 3.80 33.30 33.62
N SER A 47 2.94 33.04 34.61
CA SER A 47 3.33 33.14 36.02
C SER A 47 4.42 32.12 36.35
N TRP A 48 4.23 30.87 35.90
CA TRP A 48 5.13 29.78 36.23
C TRP A 48 6.53 30.05 35.68
N LEU A 49 6.60 30.73 34.52
CA LEU A 49 7.87 31.03 33.88
C LEU A 49 8.58 32.13 34.66
N LYS A 50 7.84 33.17 35.05
CA LYS A 50 8.42 34.28 35.79
C LYS A 50 8.77 33.85 37.21
N GLY A 51 8.02 32.89 37.75
CA GLY A 51 8.36 32.23 38.99
C GLY A 51 9.76 31.62 38.96
N HIS A 52 10.07 30.94 37.84
CA HIS A 52 11.36 30.30 37.63
C HIS A 52 12.38 31.31 37.08
N LYS A 53 12.03 32.60 37.11
CA LYS A 53 12.91 33.68 36.70
C LYS A 53 13.38 33.44 35.26
N ILE A 54 12.41 33.32 34.35
CA ILE A 54 12.66 33.15 32.94
C ILE A 54 12.11 34.38 32.21
N ASP A 55 13.01 35.25 31.73
CA ASP A 55 12.62 36.44 30.99
C ASP A 55 12.96 36.26 29.51
N HIS A 56 14.14 35.69 29.22
CA HIS A 56 14.58 35.48 27.86
C HIS A 56 14.45 34.00 27.52
N ALA A 57 13.48 33.69 26.62
CA ALA A 57 13.25 32.34 26.16
C ALA A 57 12.94 32.34 24.67
N HIS A 58 13.21 31.21 24.02
CA HIS A 58 12.76 30.96 22.66
C HIS A 58 11.82 29.77 22.69
N ILE A 59 10.57 30.01 22.31
CA ILE A 59 9.51 29.03 22.47
C ILE A 59 9.18 28.46 21.10
N CYS A 60 8.96 27.14 21.04
CA CYS A 60 8.73 26.43 19.80
C CYS A 60 7.46 25.59 19.96
N ILE A 61 6.51 25.76 19.03
CA ILE A 61 5.21 25.12 19.12
C ILE A 61 4.77 24.70 17.71
N GLU A 62 4.18 23.51 17.58
CA GLU A 62 3.71 23.00 16.30
C GLU A 62 2.43 23.74 15.91
N ALA A 63 2.23 23.96 14.60
CA ALA A 63 0.94 24.40 14.09
C ALA A 63 -0.06 23.23 14.19
N THR A 64 -1.01 23.37 15.11
CA THR A 64 -1.88 22.26 15.51
C THR A 64 -3.32 22.74 15.40
N GLY A 65 -3.86 22.74 14.18
CA GLY A 65 -5.09 23.44 13.90
C GLY A 65 -4.97 24.89 14.37
N THR A 66 -6.00 25.39 15.05
CA THR A 66 -6.02 26.76 15.57
C THR A 66 -5.87 26.73 17.08
N TYR A 67 -5.51 25.55 17.64
CA TYR A 67 -5.49 25.35 19.07
C TYR A 67 -4.22 25.95 19.68
N MET A 68 -3.19 26.17 18.87
CA MET A 68 -1.93 26.69 19.36
C MET A 68 -1.94 28.22 19.34
N GLU A 69 -2.97 28.84 18.75
CA GLU A 69 -2.92 30.25 18.43
C GLU A 69 -3.05 31.13 19.68
N PRO A 70 -4.04 30.95 20.59
CA PRO A 70 -4.13 31.81 21.76
C PRO A 70 -2.88 31.88 22.62
N VAL A 71 -2.24 30.73 22.88
CA VAL A 71 -1.07 30.68 23.75
C VAL A 71 0.12 31.31 23.02
N ALA A 72 0.19 31.13 21.69
CA ALA A 72 1.23 31.75 20.90
C ALA A 72 1.17 33.28 21.05
N GLU A 73 -0.04 33.84 21.06
CA GLU A 73 -0.25 35.28 21.15
C GLU A 73 0.06 35.76 22.57
N CYS A 74 -0.36 34.98 23.57
CA CYS A 74 -0.11 35.29 24.97
C CYS A 74 1.40 35.44 25.23
N LEU A 75 2.19 34.49 24.73
CA LEU A 75 3.62 34.43 25.01
C LEU A 75 4.35 35.50 24.22
N TYR A 76 3.91 35.76 22.98
CA TYR A 76 4.51 36.81 22.17
C TYR A 76 4.30 38.17 22.85
N ASP A 77 3.13 38.36 23.45
CA ASP A 77 2.80 39.60 24.13
C ASP A 77 3.62 39.73 25.41
N ALA A 78 3.86 38.59 26.10
CA ALA A 78 4.67 38.57 27.30
C ALA A 78 6.11 38.94 27.00
N GLY A 79 6.52 38.83 25.72
CA GLY A 79 7.81 39.32 25.28
C GLY A 79 8.78 38.21 24.92
N TYR A 80 8.31 36.95 24.89
CA TYR A 80 9.15 35.83 24.51
C TYR A 80 9.22 35.75 22.99
N ILE A 81 10.22 35.04 22.48
CA ILE A 81 10.33 34.71 21.06
C ILE A 81 9.55 33.43 20.81
N VAL A 82 8.69 33.45 19.79
CA VAL A 82 7.83 32.30 19.49
C VAL A 82 8.12 31.83 18.06
N SER A 83 8.28 30.52 17.89
CA SER A 83 8.30 29.91 16.57
C SER A 83 7.16 28.90 16.47
N VAL A 84 6.30 29.10 15.46
CA VAL A 84 5.25 28.15 15.14
C VAL A 84 5.76 27.35 13.95
N ILE A 85 6.09 26.07 14.15
CA ILE A 85 6.78 25.30 13.12
C ILE A 85 5.74 24.48 12.36
N ASN A 86 6.00 24.25 11.08
CA ASN A 86 5.25 23.31 10.29
C ASN A 86 5.52 21.92 10.87
N PRO A 87 4.48 21.16 11.28
CA PRO A 87 4.70 19.93 12.02
C PRO A 87 5.33 18.77 11.23
N ALA A 88 5.37 18.87 9.90
CA ALA A 88 6.08 17.86 9.11
C ALA A 88 7.57 17.89 9.46
N LEU A 89 8.09 19.06 9.82
CA LEU A 89 9.49 19.21 10.21
C LEU A 89 9.72 18.53 11.56
N GLY A 90 8.78 18.70 12.49
CA GLY A 90 8.87 18.09 13.81
C GLY A 90 8.92 16.57 13.73
N LYS A 91 8.15 15.98 12.81
CA LYS A 91 8.08 14.54 12.69
C LYS A 91 9.42 14.03 12.17
N ALA A 92 9.99 14.72 11.17
CA ALA A 92 11.30 14.37 10.67
C ALA A 92 12.34 14.51 11.78
N PHE A 93 12.22 15.56 12.60
CA PHE A 93 13.19 15.81 13.64
C PHE A 93 13.21 14.66 14.64
N ALA A 94 12.02 14.24 15.10
CA ALA A 94 11.91 13.12 16.03
C ALA A 94 12.63 11.89 15.47
N GLN A 95 12.42 11.60 14.18
CA GLN A 95 13.04 10.44 13.55
C GLN A 95 14.56 10.63 13.50
N SER A 96 15.03 11.87 13.28
CA SER A 96 16.45 12.15 13.24
C SER A 96 17.06 12.01 14.63
N GLU A 97 16.22 12.19 15.65
CA GLU A 97 16.62 12.17 17.05
C GLU A 97 16.55 10.73 17.57
N GLY A 98 16.01 9.82 16.75
CA GLY A 98 16.02 8.39 17.02
C GLY A 98 14.94 7.96 18.02
N LEU A 99 13.89 8.77 18.21
CA LEU A 99 12.91 8.50 19.26
C LEU A 99 12.08 7.27 18.89
N ARG A 100 11.73 6.47 19.91
CA ARG A 100 11.05 5.20 19.70
C ARG A 100 9.62 5.21 20.24
N ASN A 101 9.18 6.31 20.89
CA ASN A 101 7.81 6.44 21.36
C ASN A 101 7.27 7.82 20.97
N LYS A 102 5.92 7.94 20.94
CA LYS A 102 5.26 9.21 20.73
C LYS A 102 4.24 9.44 21.85
N THR A 103 4.54 10.40 22.73
CA THR A 103 3.60 10.84 23.76
C THR A 103 3.73 12.36 23.91
N ASP A 104 2.84 12.97 24.70
CA ASP A 104 2.77 14.42 24.79
C ASP A 104 3.98 14.98 25.53
N THR A 105 4.47 14.25 26.53
CA THR A 105 5.63 14.67 27.31
C THR A 105 6.89 14.51 26.47
N VAL A 106 6.91 13.47 25.62
CA VAL A 106 8.02 13.22 24.71
C VAL A 106 8.06 14.31 23.64
N ASP A 107 6.89 14.71 23.14
CA ASP A 107 6.80 15.68 22.06
C ASP A 107 7.21 17.08 22.55
N ALA A 108 6.84 17.44 23.79
CA ALA A 108 7.22 18.73 24.35
C ALA A 108 8.73 18.80 24.54
N ARG A 109 9.35 17.68 24.92
CA ARG A 109 10.80 17.61 25.11
C ARG A 109 11.48 17.71 23.74
N MET A 110 10.93 16.99 22.76
CA MET A 110 11.42 17.01 21.39
C MET A 110 11.41 18.43 20.82
N LEU A 111 10.37 19.21 21.11
CA LEU A 111 10.22 20.54 20.56
C LEU A 111 11.20 21.52 21.19
N ALA A 112 11.56 21.29 22.47
CA ALA A 112 12.54 22.14 23.13
C ALA A 112 13.92 21.95 22.50
N GLU A 113 14.25 20.71 22.09
CA GLU A 113 15.51 20.43 21.42
C GLU A 113 15.49 20.98 20.00
N PHE A 114 14.36 20.79 19.29
CA PHE A 114 14.18 21.38 17.98
C PHE A 114 14.57 22.86 18.06
N CYS A 115 14.02 23.55 19.06
CA CYS A 115 14.27 24.97 19.23
C CYS A 115 15.76 25.25 19.35
N ARG A 116 16.43 24.55 20.29
CA ARG A 116 17.85 24.77 20.57
C ARG A 116 18.71 24.50 19.33
N GLN A 117 18.47 23.36 18.66
CA GLN A 117 19.33 22.91 17.59
C GLN A 117 19.11 23.73 16.31
N LYS A 118 17.85 23.98 15.94
CA LYS A 118 17.52 24.55 14.64
C LYS A 118 17.47 26.08 14.68
N ARG A 119 17.12 26.65 15.84
CA ARG A 119 16.94 28.09 16.00
C ARG A 119 16.03 28.64 14.89
N PRO A 120 14.75 28.21 14.80
CA PRO A 120 13.88 28.69 13.73
C PRO A 120 13.53 30.17 13.80
N ALA A 121 13.14 30.72 12.65
CA ALA A 121 12.80 32.14 12.53
C ALA A 121 11.57 32.45 13.37
N ALA A 122 11.53 33.68 13.91
CA ALA A 122 10.48 34.09 14.81
C ALA A 122 9.17 34.23 14.05
N TRP A 123 8.06 34.09 14.79
CA TRP A 123 6.72 34.15 14.25
C TRP A 123 6.08 35.47 14.66
N GLU A 124 5.46 36.15 13.68
CA GLU A 124 4.76 37.39 13.91
C GLU A 124 3.27 37.14 13.68
N ALA A 125 2.43 37.50 14.66
CA ALA A 125 0.99 37.38 14.51
C ALA A 125 0.52 38.25 13.34
N PRO A 126 -0.34 37.74 12.44
CA PRO A 126 -0.76 38.54 11.28
C PRO A 126 -1.63 39.72 11.66
N HIS A 127 -1.67 40.71 10.76
CA HIS A 127 -2.43 41.94 10.96
C HIS A 127 -3.92 41.58 10.99
N PRO A 128 -4.75 42.20 11.87
CA PRO A 128 -6.17 41.89 11.93
C PRO A 128 -6.88 41.88 10.57
N LEU A 129 -6.53 42.82 9.68
CA LEU A 129 -7.12 42.91 8.37
C LEU A 129 -6.77 41.68 7.54
N GLU A 130 -5.50 41.26 7.60
CA GLU A 130 -5.05 40.08 6.87
C GLU A 130 -5.77 38.84 7.39
N ARG A 131 -5.95 38.76 8.72
CA ARG A 131 -6.61 37.64 9.37
C ARG A 131 -8.07 37.55 8.89
N ALA A 132 -8.76 38.70 8.83
CA ALA A 132 -10.14 38.75 8.40
C ALA A 132 -10.25 38.41 6.91
N LEU A 133 -9.40 39.01 6.09
CA LEU A 133 -9.47 38.77 4.65
C LEU A 133 -9.27 37.29 4.37
N ARG A 134 -8.27 36.66 5.01
CA ARG A 134 -8.02 35.25 4.78
C ARG A 134 -9.24 34.44 5.21
N ALA A 135 -9.86 34.80 6.33
CA ALA A 135 -11.01 34.07 6.85
C ALA A 135 -12.17 34.12 5.87
N LEU A 136 -12.44 35.31 5.29
CA LEU A 136 -13.51 35.49 4.32
C LEU A 136 -13.20 34.72 3.04
N VAL A 137 -11.94 34.71 2.60
CA VAL A 137 -11.57 34.04 1.35
C VAL A 137 -11.78 32.53 1.48
N VAL A 138 -11.43 31.92 2.63
CA VAL A 138 -11.48 30.47 2.73
C VAL A 138 -12.92 30.03 2.96
N ARG A 139 -13.74 30.91 3.56
CA ARG A 139 -15.16 30.67 3.66
C ARG A 139 -15.79 30.66 2.28
N HIS A 140 -15.46 31.68 1.47
CA HIS A 140 -15.95 31.78 0.09
C HIS A 140 -15.61 30.51 -0.69
N GLN A 141 -14.40 29.98 -0.50
CA GLN A 141 -13.98 28.77 -1.20
C GLN A 141 -14.81 27.58 -0.74
N ALA A 142 -15.12 27.51 0.57
CA ALA A 142 -15.91 26.42 1.11
C ALA A 142 -17.28 26.39 0.43
N LEU A 143 -17.92 27.55 0.33
CA LEU A 143 -19.27 27.64 -0.20
C LEU A 143 -19.27 27.41 -1.71
N THR A 144 -18.18 27.78 -2.40
CA THR A 144 -18.07 27.48 -3.82
C THR A 144 -17.98 25.98 -4.02
N ASP A 145 -17.28 25.28 -3.12
CA ASP A 145 -17.18 23.83 -3.20
C ASP A 145 -18.56 23.21 -3.04
N MET A 146 -19.36 23.71 -2.09
CA MET A 146 -20.66 23.13 -1.85
C MET A 146 -21.59 23.45 -3.02
N HIS A 147 -21.47 24.65 -3.62
CA HIS A 147 -22.29 25.03 -4.76
C HIS A 147 -22.01 24.11 -5.95
N THR A 148 -20.73 23.77 -6.19
CA THR A 148 -20.39 22.91 -7.32
C THR A 148 -20.97 21.52 -7.11
N GLN A 149 -20.97 21.04 -5.87
CA GLN A 149 -21.51 19.73 -5.55
C GLN A 149 -22.99 19.68 -5.89
N GLU A 150 -23.76 20.67 -5.41
CA GLU A 150 -25.18 20.72 -5.67
C GLU A 150 -25.45 20.86 -7.17
N LEU A 151 -24.58 21.59 -7.87
CA LEU A 151 -24.79 21.87 -9.29
C LEU A 151 -24.52 20.61 -10.10
N ASN A 152 -23.47 19.87 -9.74
CA ASN A 152 -23.20 18.57 -10.35
C ASN A 152 -24.38 17.61 -10.16
N ARG A 153 -25.08 17.73 -9.02
CA ARG A 153 -26.18 16.81 -8.70
C ARG A 153 -27.38 17.05 -9.60
N THR A 154 -27.58 18.26 -10.13
CA THR A 154 -28.77 18.56 -10.92
C THR A 154 -28.77 17.72 -12.20
N GLU A 155 -27.59 17.34 -12.68
CA GLU A 155 -27.45 16.56 -13.90
C GLU A 155 -28.18 15.22 -13.79
N THR A 156 -27.92 14.49 -12.70
CA THR A 156 -28.36 13.11 -12.57
C THR A 156 -29.53 13.01 -11.60
N ALA A 157 -30.08 14.14 -11.16
CA ALA A 157 -31.05 14.16 -10.07
C ALA A 157 -32.39 13.57 -10.53
N ARG A 158 -33.10 12.95 -9.59
CA ARG A 158 -34.48 12.54 -9.79
C ARG A 158 -35.35 13.78 -9.58
N GLU A 159 -36.60 13.73 -10.06
CA GLU A 159 -37.46 14.91 -10.08
C GLU A 159 -37.92 15.29 -8.68
N VAL A 160 -38.04 14.31 -7.77
CA VAL A 160 -38.46 14.61 -6.40
C VAL A 160 -37.32 15.32 -5.66
N GLN A 161 -36.09 15.12 -6.11
CA GLN A 161 -34.92 15.73 -5.47
C GLN A 161 -34.74 17.16 -5.95
N ARG A 162 -35.29 17.49 -7.13
CA ARG A 162 -34.94 18.73 -7.81
C ARG A 162 -35.34 19.97 -7.00
N PRO A 163 -36.56 20.08 -6.42
CA PRO A 163 -36.91 21.26 -5.64
C PRO A 163 -35.94 21.58 -4.51
N SER A 164 -35.44 20.54 -3.84
CA SER A 164 -34.51 20.70 -2.73
C SER A 164 -33.18 21.27 -3.24
N ILE A 165 -32.65 20.69 -4.32
CA ILE A 165 -31.36 21.09 -4.86
C ILE A 165 -31.45 22.53 -5.38
N ASP A 166 -32.57 22.86 -6.02
CA ASP A 166 -32.78 24.20 -6.54
C ASP A 166 -32.80 25.22 -5.40
N ALA A 167 -33.55 24.92 -4.34
CA ALA A 167 -33.71 25.85 -3.23
C ALA A 167 -32.36 26.13 -2.57
N HIS A 168 -31.50 25.11 -2.51
CA HIS A 168 -30.20 25.25 -1.88
C HIS A 168 -29.29 26.10 -2.76
N LEU A 169 -29.32 25.85 -4.07
CA LEU A 169 -28.52 26.59 -5.04
C LEU A 169 -28.83 28.09 -4.95
N LEU A 170 -30.11 28.44 -4.76
CA LEU A 170 -30.48 29.84 -4.61
C LEU A 170 -29.88 30.40 -3.33
N TRP A 171 -29.91 29.61 -2.25
CA TRP A 171 -29.41 30.09 -0.97
C TRP A 171 -27.91 30.34 -1.09
N LEU A 172 -27.18 29.40 -1.72
CA LEU A 172 -25.73 29.46 -1.80
C LEU A 172 -25.29 30.60 -2.73
N GLU A 173 -26.07 30.89 -3.77
CA GLU A 173 -25.73 31.96 -4.69
C GLU A 173 -25.84 33.31 -3.97
N ALA A 174 -26.89 33.47 -3.16
CA ALA A 174 -27.10 34.72 -2.44
C ALA A 174 -25.98 34.94 -1.43
N GLU A 175 -25.51 33.84 -0.83
CA GLU A 175 -24.54 33.91 0.25
C GLU A 175 -23.17 34.25 -0.34
N LEU A 176 -22.81 33.58 -1.44
CA LEU A 176 -21.59 33.85 -2.17
C LEU A 176 -21.54 35.33 -2.59
N LYS A 177 -22.63 35.88 -3.11
CA LYS A 177 -22.68 37.30 -3.44
C LYS A 177 -22.42 38.15 -2.20
N ARG A 178 -23.05 37.80 -1.08
CA ARG A 178 -22.94 38.58 0.15
C ARG A 178 -21.48 38.61 0.61
N LEU A 179 -20.80 37.46 0.55
CA LEU A 179 -19.42 37.35 1.00
C LEU A 179 -18.50 38.15 0.09
N GLU A 180 -18.73 38.09 -1.22
CA GLU A 180 -17.91 38.83 -2.18
C GLU A 180 -17.99 40.32 -1.86
N LYS A 181 -19.18 40.80 -1.52
CA LYS A 181 -19.36 42.21 -1.22
C LYS A 181 -18.60 42.56 0.06
N GLN A 182 -18.59 41.62 1.01
CA GLN A 182 -17.96 41.83 2.31
C GLN A 182 -16.45 41.92 2.13
N ILE A 183 -15.90 41.12 1.20
CA ILE A 183 -14.48 41.15 0.86
C ILE A 183 -14.16 42.48 0.19
N LYS A 184 -15.03 42.96 -0.71
CA LYS A 184 -14.82 44.21 -1.42
C LYS A 184 -14.86 45.39 -0.45
N ASP A 185 -15.74 45.33 0.55
CA ASP A 185 -15.86 46.41 1.52
C ASP A 185 -14.63 46.44 2.41
N LEU A 186 -14.01 45.26 2.62
CA LEU A 186 -12.83 45.15 3.47
C LEU A 186 -11.64 45.80 2.77
N THR A 187 -11.40 45.42 1.51
CA THR A 187 -10.20 45.85 0.81
C THR A 187 -10.34 47.32 0.39
N ASP A 188 -11.57 47.82 0.27
CA ASP A 188 -11.80 49.22 -0.08
C ASP A 188 -11.49 50.13 1.10
N ASP A 189 -11.85 49.72 2.31
CA ASP A 189 -11.70 50.57 3.48
C ASP A 189 -10.24 50.71 3.90
N ASP A 190 -9.35 49.90 3.31
CA ASP A 190 -7.91 50.06 3.51
C ASP A 190 -7.29 50.67 2.26
N PRO A 191 -6.61 51.84 2.35
CA PRO A 191 -5.98 52.46 1.18
C PRO A 191 -4.93 51.60 0.48
N ASP A 192 -4.14 50.86 1.27
CA ASP A 192 -3.05 50.07 0.74
C ASP A 192 -3.62 48.85 -0.01
N MET A 193 -4.52 48.11 0.63
CA MET A 193 -5.14 46.94 0.01
C MET A 193 -5.89 47.34 -1.25
N LYS A 194 -6.61 48.46 -1.20
CA LYS A 194 -7.34 48.94 -2.36
C LYS A 194 -6.38 49.13 -3.53
N HIS A 195 -5.23 49.76 -3.26
CA HIS A 195 -4.23 50.04 -4.29
C HIS A 195 -3.63 48.74 -4.83
N ARG A 196 -3.32 47.80 -3.92
CA ARG A 196 -2.65 46.57 -4.28
C ARG A 196 -3.62 45.66 -5.06
N ARG A 197 -4.89 45.66 -4.67
CA ARG A 197 -5.92 44.92 -5.37
C ARG A 197 -5.97 45.36 -6.84
N LYS A 198 -5.93 46.68 -7.07
CA LYS A 198 -5.99 47.25 -8.41
C LYS A 198 -4.80 46.80 -9.26
N LEU A 199 -3.60 46.75 -8.66
CA LEU A 199 -2.40 46.38 -9.38
C LEU A 199 -2.49 44.92 -9.82
N LEU A 200 -2.98 44.03 -8.95
CA LEU A 200 -3.04 42.61 -9.25
C LEU A 200 -4.01 42.37 -10.41
N GLU A 201 -5.14 43.11 -10.43
CA GLU A 201 -6.16 42.91 -11.44
C GLU A 201 -5.70 43.44 -12.80
N SER A 202 -4.60 44.20 -12.83
CA SER A 202 -4.05 44.70 -14.08
C SER A 202 -3.39 43.57 -14.87
N ILE A 203 -3.09 42.45 -14.21
CA ILE A 203 -2.50 41.29 -14.88
C ILE A 203 -3.60 40.59 -15.67
N PRO A 204 -3.48 40.40 -17.01
CA PRO A 204 -4.47 39.64 -17.76
C PRO A 204 -4.55 38.18 -17.33
N GLY A 205 -5.74 37.76 -16.87
CA GLY A 205 -5.92 36.44 -16.30
C GLY A 205 -6.31 36.50 -14.81
N ILE A 206 -6.18 37.68 -14.18
CA ILE A 206 -6.46 37.83 -12.76
C ILE A 206 -7.59 38.84 -12.58
N GLY A 207 -8.67 38.40 -11.91
CA GLY A 207 -9.86 39.20 -11.69
C GLY A 207 -10.15 39.39 -10.20
N GLU A 208 -11.40 39.76 -9.88
CA GLU A 208 -11.84 40.07 -8.52
C GLU A 208 -11.55 38.91 -7.56
N LYS A 209 -11.78 37.67 -8.00
CA LYS A 209 -11.68 36.54 -7.08
C LYS A 209 -10.23 36.21 -6.80
N THR A 210 -9.40 36.11 -7.84
CA THR A 210 -8.01 35.68 -7.64
C THR A 210 -7.23 36.78 -6.90
N SER A 211 -7.58 38.05 -7.11
CA SER A 211 -6.83 39.13 -6.50
C SER A 211 -6.98 39.09 -4.98
N ALA A 212 -8.20 38.76 -4.50
CA ALA A 212 -8.46 38.70 -3.07
C ALA A 212 -7.71 37.51 -2.44
N VAL A 213 -7.59 36.40 -3.17
CA VAL A 213 -6.88 35.24 -2.66
C VAL A 213 -5.40 35.59 -2.55
N LEU A 214 -4.84 36.23 -3.59
CA LEU A 214 -3.43 36.56 -3.60
C LEU A 214 -3.09 37.55 -2.48
N LEU A 215 -3.93 38.58 -2.27
CA LEU A 215 -3.72 39.51 -1.17
C LEU A 215 -3.72 38.78 0.17
N ALA A 216 -4.59 37.77 0.33
CA ALA A 216 -4.76 37.08 1.59
C ALA A 216 -3.53 36.25 1.97
N TYR A 217 -2.65 35.92 1.01
CA TYR A 217 -1.46 35.14 1.31
C TYR A 217 -0.17 35.95 1.13
N ILE A 218 -0.17 36.96 0.24
CA ILE A 218 1.05 37.72 -0.04
C ILE A 218 1.40 38.61 1.15
N GLY A 219 0.38 39.08 1.88
CA GLY A 219 0.57 39.97 3.02
C GLY A 219 0.22 41.42 2.68
N LEU A 220 0.48 42.32 3.65
CA LEU A 220 0.36 43.76 3.43
C LEU A 220 1.70 44.33 2.97
N LYS A 221 2.81 43.67 3.35
CA LYS A 221 4.14 44.21 3.14
C LYS A 221 4.99 43.19 2.37
N ASP A 222 6.22 43.58 2.04
CA ASP A 222 7.14 42.72 1.30
C ASP A 222 7.65 41.61 2.24
N ARG A 223 6.91 40.49 2.25
CA ARG A 223 7.12 39.41 3.19
C ARG A 223 8.14 38.41 2.65
N PHE A 224 8.14 38.21 1.33
CA PHE A 224 9.05 37.28 0.67
C PHE A 224 10.17 38.07 0.00
N ALA A 225 11.36 37.46 -0.08
CA ALA A 225 12.54 38.14 -0.58
C ALA A 225 12.76 37.87 -2.07
N HIS A 226 12.16 36.80 -2.59
CA HIS A 226 12.29 36.45 -4.00
C HIS A 226 10.96 35.91 -4.52
N ALA A 227 10.75 36.03 -5.83
CA ALA A 227 9.50 35.59 -6.46
C ALA A 227 9.33 34.08 -6.35
N ARG A 228 10.43 33.32 -6.50
CA ARG A 228 10.31 31.86 -6.52
C ARG A 228 9.99 31.36 -5.12
N GLN A 229 10.31 32.16 -4.09
CA GLN A 229 9.95 31.82 -2.73
C GLN A 229 8.43 31.79 -2.60
N PHE A 230 7.76 32.81 -3.15
CA PHE A 230 6.31 32.89 -3.10
C PHE A 230 5.68 31.78 -3.94
N ALA A 231 6.35 31.35 -5.02
CA ALA A 231 5.84 30.25 -5.83
C ALA A 231 5.98 28.92 -5.09
N ALA A 232 7.07 28.75 -4.32
CA ALA A 232 7.24 27.57 -3.48
C ALA A 232 6.20 27.55 -2.36
N PHE A 233 5.85 28.74 -1.84
CA PHE A 233 4.88 28.86 -0.77
C PHE A 233 3.53 28.31 -1.19
N ALA A 234 3.19 28.41 -2.48
CA ALA A 234 1.94 27.91 -3.01
C ALA A 234 2.03 26.42 -3.35
N GLY A 235 3.24 25.87 -3.41
CA GLY A 235 3.43 24.44 -3.68
C GLY A 235 3.61 24.17 -5.18
N LEU A 236 4.11 25.17 -5.91
CA LEU A 236 4.08 25.15 -7.37
C LEU A 236 5.45 24.81 -7.96
N THR A 237 6.54 24.94 -7.20
CA THR A 237 7.86 24.61 -7.72
C THR A 237 7.98 23.10 -7.80
N PRO A 238 8.65 22.54 -8.83
CA PRO A 238 8.78 21.08 -8.96
C PRO A 238 9.78 20.47 -8.00
N ARG A 239 9.53 19.20 -7.64
CA ARG A 239 10.51 18.39 -6.93
C ARG A 239 10.12 16.91 -7.09
N ARG A 252 7.88 16.38 -11.06
CA ARG A 252 6.51 16.47 -10.50
C ARG A 252 6.43 17.69 -9.58
N MET A 253 5.24 18.29 -9.49
CA MET A 253 5.00 19.49 -8.69
C MET A 253 4.92 19.11 -7.21
N SER A 254 5.58 19.90 -6.35
CA SER A 254 5.82 19.49 -4.97
C SER A 254 4.52 19.36 -4.20
N LYS A 255 3.61 20.33 -4.39
CA LYS A 255 2.33 20.39 -3.70
C LYS A 255 2.55 20.56 -2.19
N ALA A 256 3.74 21.03 -1.79
CA ALA A 256 4.03 21.35 -0.40
C ALA A 256 3.83 22.85 -0.20
N GLY A 257 2.58 23.24 0.04
CA GLY A 257 2.23 24.63 0.20
C GLY A 257 0.72 24.80 0.30
N HIS A 258 0.25 26.03 0.48
CA HIS A 258 -1.16 26.28 0.73
C HIS A 258 -2.01 25.87 -0.47
N VAL A 259 -2.91 24.91 -0.25
CA VAL A 259 -3.81 24.41 -1.26
C VAL A 259 -4.79 25.51 -1.71
N SER A 260 -5.18 26.41 -0.80
CA SER A 260 -6.13 27.46 -1.12
C SER A 260 -5.56 28.47 -2.13
N LEU A 261 -4.25 28.67 -2.09
CA LEU A 261 -3.58 29.58 -3.01
C LEU A 261 -3.34 28.87 -4.34
N ARG A 262 -3.00 27.59 -4.29
CA ARG A 262 -2.72 26.81 -5.48
C ARG A 262 -4.01 26.63 -6.29
N ARG A 263 -5.09 26.24 -5.60
CA ARG A 263 -6.42 26.10 -6.17
C ARG A 263 -6.81 27.34 -6.99
N ALA A 264 -6.51 28.52 -6.46
CA ALA A 264 -7.00 29.77 -7.02
C ALA A 264 -6.39 30.10 -8.38
N LEU A 265 -5.30 29.43 -8.78
CA LEU A 265 -4.50 29.90 -9.90
C LEU A 265 -4.74 29.11 -11.19
N TYR A 266 -5.43 27.97 -11.12
CA TYR A 266 -5.62 27.11 -12.28
C TYR A 266 -6.49 27.77 -13.35
N MET A 267 -7.65 28.32 -12.98
CA MET A 267 -8.56 28.85 -13.98
C MET A 267 -8.00 30.16 -14.56
N PRO A 268 -7.39 31.08 -13.77
CA PRO A 268 -6.56 32.13 -14.35
C PRO A 268 -5.55 31.63 -15.36
N ALA A 269 -4.88 30.51 -15.05
CA ALA A 269 -3.86 29.97 -15.93
C ALA A 269 -4.46 29.52 -17.27
N MET A 270 -5.66 28.93 -17.23
CA MET A 270 -6.35 28.51 -18.46
C MET A 270 -6.71 29.73 -19.31
N VAL A 271 -7.36 30.74 -18.73
CA VAL A 271 -7.85 31.86 -19.52
C VAL A 271 -6.66 32.63 -20.10
N ALA A 272 -5.55 32.70 -19.35
CA ALA A 272 -4.38 33.45 -19.80
C ALA A 272 -3.77 32.78 -21.02
N THR A 273 -3.51 31.45 -20.92
CA THR A 273 -2.87 30.73 -22.00
C THR A 273 -3.79 30.63 -23.21
N SER A 274 -5.10 30.84 -23.03
CA SER A 274 -6.08 30.66 -24.10
C SER A 274 -6.39 32.00 -24.77
N LYS A 275 -6.58 33.08 -23.99
CA LYS A 275 -7.23 34.27 -24.50
C LYS A 275 -6.44 35.55 -24.26
N THR A 276 -5.16 35.45 -23.87
CA THR A 276 -4.34 36.63 -23.70
C THR A 276 -3.11 36.53 -24.59
N GLU A 277 -2.58 37.68 -25.00
CA GLU A 277 -1.42 37.73 -25.88
C GLU A 277 -0.24 37.08 -25.17
N TRP A 278 0.11 37.59 -23.97
CA TRP A 278 1.29 37.15 -23.25
C TRP A 278 1.17 35.70 -22.80
N GLY A 279 -0.07 35.24 -22.53
CA GLY A 279 -0.32 33.88 -22.10
C GLY A 279 -0.20 32.88 -23.25
N ARG A 280 -0.78 33.24 -24.40
CA ARG A 280 -0.67 32.42 -25.61
C ARG A 280 0.80 32.31 -26.01
N ALA A 281 1.54 33.44 -25.93
CA ALA A 281 2.98 33.44 -26.17
C ALA A 281 3.64 32.36 -25.33
N PHE A 282 3.40 32.38 -24.01
CA PHE A 282 3.97 31.42 -23.07
C PHE A 282 3.56 30.00 -23.45
N ARG A 283 2.27 29.82 -23.80
CA ARG A 283 1.74 28.49 -24.10
C ARG A 283 2.49 27.89 -25.29
N ASP A 284 2.70 28.70 -26.33
CA ASP A 284 3.29 28.25 -27.58
C ASP A 284 4.74 27.83 -27.36
N ARG A 285 5.48 28.61 -26.56
CA ARG A 285 6.88 28.36 -26.29
C ARG A 285 7.08 26.97 -25.70
N LEU A 286 6.22 26.58 -24.74
CA LEU A 286 6.32 25.28 -24.10
C LEU A 286 5.75 24.20 -25.02
N ALA A 287 4.76 24.55 -25.84
CA ALA A 287 4.15 23.60 -26.78
C ALA A 287 5.15 23.25 -27.88
N ALA A 288 6.05 24.20 -28.21
CA ALA A 288 7.14 23.95 -29.13
C ALA A 288 8.03 22.81 -28.62
N ASN A 289 8.21 22.74 -27.29
CA ASN A 289 9.09 21.76 -26.68
C ASN A 289 8.29 20.53 -26.22
N GLY A 290 7.05 20.40 -26.72
CA GLY A 290 6.27 19.19 -26.54
C GLY A 290 5.83 18.98 -25.09
N LYS A 291 5.09 19.96 -24.56
CA LYS A 291 4.55 19.88 -23.20
C LYS A 291 3.04 19.69 -23.29
N LYS A 292 2.50 18.81 -22.44
CA LYS A 292 1.09 18.46 -22.45
C LYS A 292 0.28 19.64 -21.92
N GLY A 293 -1.06 19.56 -22.09
CA GLY A 293 -1.96 20.63 -21.72
C GLY A 293 -1.78 21.07 -20.27
N LYS A 294 -1.96 20.13 -19.33
CA LYS A 294 -1.92 20.44 -17.91
C LYS A 294 -0.51 20.82 -17.47
N VAL A 295 0.52 20.29 -18.14
CA VAL A 295 1.89 20.62 -17.81
C VAL A 295 2.13 22.11 -18.09
N ILE A 296 1.54 22.63 -19.16
CA ILE A 296 1.66 24.04 -19.48
C ILE A 296 0.93 24.85 -18.41
N LEU A 297 -0.25 24.38 -18.00
CA LEU A 297 -1.04 25.06 -17.00
C LEU A 297 -0.28 25.11 -15.68
N GLY A 298 0.25 23.96 -15.24
CA GLY A 298 1.15 23.94 -14.09
C GLY A 298 2.19 25.07 -14.18
N ALA A 299 2.88 25.16 -15.31
CA ALA A 299 3.92 26.15 -15.51
C ALA A 299 3.35 27.57 -15.42
N MET A 300 2.16 27.78 -15.98
CA MET A 300 1.57 29.12 -15.99
C MET A 300 1.16 29.53 -14.58
N MET A 301 0.72 28.56 -13.76
CA MET A 301 0.37 28.82 -12.37
C MET A 301 1.58 29.39 -11.63
N ARG A 302 2.74 28.71 -11.74
CA ARG A 302 3.97 29.21 -11.14
C ARG A 302 4.27 30.63 -11.62
N LYS A 303 4.17 30.87 -12.93
CA LYS A 303 4.51 32.16 -13.50
C LYS A 303 3.60 33.26 -12.92
N LEU A 304 2.29 33.01 -12.90
CA LEU A 304 1.34 33.98 -12.38
C LEU A 304 1.70 34.34 -10.94
N ALA A 305 2.01 33.32 -10.13
CA ALA A 305 2.39 33.54 -8.74
C ALA A 305 3.59 34.48 -8.65
N GLN A 306 4.60 34.25 -9.49
CA GLN A 306 5.81 35.07 -9.50
C GLN A 306 5.53 36.48 -9.99
N VAL A 307 4.65 36.63 -11.00
CA VAL A 307 4.36 37.94 -11.56
C VAL A 307 3.49 38.72 -10.58
N ALA A 308 2.55 38.06 -9.90
CA ALA A 308 1.73 38.72 -8.89
C ALA A 308 2.62 39.37 -7.84
N TYR A 309 3.61 38.61 -7.36
CA TYR A 309 4.58 39.09 -6.40
C TYR A 309 5.42 40.21 -7.03
N GLY A 310 5.84 40.00 -8.28
CA GLY A 310 6.66 40.95 -9.01
C GLY A 310 5.96 42.31 -9.18
N VAL A 311 4.71 42.29 -9.64
CA VAL A 311 3.96 43.51 -9.91
C VAL A 311 3.83 44.31 -8.62
N LEU A 312 3.49 43.65 -7.51
CA LEU A 312 3.24 44.36 -6.26
C LEU A 312 4.51 45.05 -5.80
N LYS A 313 5.66 44.36 -5.93
CA LYS A 313 6.96 44.89 -5.59
C LYS A 313 7.26 46.13 -6.44
N SER A 314 7.03 46.02 -7.75
CA SER A 314 7.29 47.09 -8.70
C SER A 314 6.48 48.33 -8.34
N GLY A 315 5.22 48.12 -7.94
CA GLY A 315 4.35 49.21 -7.52
C GLY A 315 3.63 49.86 -8.69
N VAL A 316 3.78 49.31 -9.90
CA VAL A 316 3.19 49.89 -11.11
C VAL A 316 2.43 48.80 -11.87
N PRO A 317 1.37 49.15 -12.66
CA PRO A 317 0.60 48.17 -13.42
C PRO A 317 1.42 47.16 -14.23
N PHE A 318 0.76 46.06 -14.62
CA PHE A 318 1.37 45.03 -15.42
C PHE A 318 1.84 45.62 -16.75
N ASP A 319 3.06 45.22 -17.15
CA ASP A 319 3.66 45.61 -18.41
C ASP A 319 4.01 44.33 -19.17
N ALA A 320 3.35 44.11 -20.31
CA ALA A 320 3.50 42.88 -21.07
C ALA A 320 4.88 42.81 -21.72
N SER A 321 5.47 43.97 -22.00
CA SER A 321 6.77 44.07 -22.68
C SER A 321 7.82 43.20 -22.00
N ARG A 322 7.73 43.05 -20.67
CA ARG A 322 8.72 42.31 -19.90
C ARG A 322 8.66 40.82 -20.22
N HIS A 323 7.51 40.34 -20.72
CA HIS A 323 7.29 38.93 -20.95
C HIS A 323 7.07 38.69 -22.46
N GLU B 6 -32.40 -19.97 -31.01
CA GLU B 6 -33.51 -18.97 -30.98
C GLU B 6 -33.10 -17.74 -30.16
N LEU B 7 -32.47 -17.94 -29.00
CA LEU B 7 -32.15 -16.85 -28.09
C LEU B 7 -30.85 -16.17 -28.51
N HIS B 8 -30.91 -14.85 -28.71
CA HIS B 8 -29.73 -14.06 -28.99
C HIS B 8 -29.15 -13.55 -27.68
N TYR B 9 -27.86 -13.17 -27.72
CA TYR B 9 -27.19 -12.60 -26.56
C TYR B 9 -26.60 -11.26 -26.99
N ILE B 10 -26.99 -10.19 -26.29
CA ILE B 10 -26.64 -8.83 -26.68
C ILE B 10 -25.94 -8.15 -25.52
N GLY B 11 -24.80 -7.50 -25.81
CA GLY B 11 -24.15 -6.61 -24.88
C GLY B 11 -24.34 -5.16 -25.31
N ILE B 12 -24.48 -4.24 -24.34
CA ILE B 12 -24.60 -2.83 -24.63
C ILE B 12 -23.60 -2.05 -23.78
N ASP B 13 -22.62 -1.44 -24.44
CA ASP B 13 -21.67 -0.56 -23.79
C ASP B 13 -22.24 0.86 -23.85
N THR B 14 -22.50 1.45 -22.68
CA THR B 14 -23.24 2.69 -22.58
C THR B 14 -22.30 3.84 -22.24
N ALA B 15 -22.61 5.02 -22.78
CA ALA B 15 -22.02 6.27 -22.35
C ALA B 15 -23.12 7.33 -22.36
N LYS B 16 -22.80 8.55 -21.92
CA LYS B 16 -23.77 9.62 -21.80
C LYS B 16 -24.44 9.89 -23.14
N GLU B 17 -23.65 9.82 -24.23
CA GLU B 17 -24.08 10.28 -25.54
C GLU B 17 -24.42 9.13 -26.47
N LYS B 18 -23.61 8.05 -26.45
CA LYS B 18 -23.71 6.99 -27.45
C LYS B 18 -23.89 5.63 -26.79
N LEU B 19 -24.58 4.73 -27.52
CA LEU B 19 -24.65 3.31 -27.22
C LEU B 19 -23.81 2.55 -28.23
N ASP B 20 -23.20 1.44 -27.78
CA ASP B 20 -22.48 0.53 -28.66
C ASP B 20 -23.02 -0.88 -28.46
N VAL B 21 -23.70 -1.43 -29.48
CA VAL B 21 -24.41 -2.68 -29.34
C VAL B 21 -23.64 -3.80 -30.05
N ASP B 22 -23.73 -5.02 -29.49
CA ASP B 22 -23.09 -6.20 -30.06
C ASP B 22 -24.01 -7.40 -29.87
N VAL B 23 -24.66 -7.83 -30.95
CA VAL B 23 -25.52 -9.01 -30.93
C VAL B 23 -24.64 -10.22 -31.23
N LEU B 24 -24.84 -11.30 -30.47
CA LEU B 24 -24.18 -12.57 -30.71
C LEU B 24 -25.26 -13.60 -31.05
N ARG B 25 -25.18 -14.13 -32.28
CA ARG B 25 -26.25 -14.96 -32.84
C ARG B 25 -26.06 -16.40 -32.40
N PRO B 26 -27.11 -17.25 -32.45
CA PRO B 26 -26.96 -18.68 -32.17
C PRO B 26 -25.86 -19.35 -32.99
N ASP B 27 -25.68 -18.94 -34.26
CA ASP B 27 -24.70 -19.55 -35.14
C ASP B 27 -23.28 -19.14 -34.73
N GLY B 28 -23.13 -18.01 -34.05
CA GLY B 28 -21.86 -17.62 -33.47
C GLY B 28 -21.25 -16.38 -34.12
N ARG B 29 -21.91 -15.84 -35.15
CA ARG B 29 -21.49 -14.60 -35.79
C ARG B 29 -22.12 -13.42 -35.06
N HIS B 30 -21.53 -12.24 -35.22
CA HIS B 30 -21.94 -11.05 -34.49
C HIS B 30 -22.58 -10.02 -35.42
N ARG B 31 -23.38 -9.13 -34.82
CA ARG B 31 -23.81 -7.89 -35.45
C ARG B 31 -23.45 -6.73 -34.53
N THR B 32 -23.02 -5.60 -35.11
CA THR B 32 -22.63 -4.45 -34.33
C THR B 32 -23.20 -3.18 -34.97
N LYS B 33 -23.68 -2.27 -34.13
CA LYS B 33 -24.18 -0.98 -34.59
C LYS B 33 -24.22 0.00 -33.41
N LYS B 34 -23.79 1.24 -33.66
CA LYS B 34 -23.81 2.29 -32.66
C LYS B 34 -25.07 3.12 -32.81
N PHE B 35 -25.59 3.63 -31.69
CA PHE B 35 -26.80 4.44 -31.68
C PHE B 35 -26.57 5.64 -30.77
N ALA B 36 -27.39 6.68 -30.94
CA ALA B 36 -27.42 7.80 -30.02
C ALA B 36 -28.17 7.37 -28.75
N ASN B 37 -27.75 7.90 -27.60
CA ASN B 37 -28.33 7.53 -26.33
C ASN B 37 -29.50 8.49 -26.05
N THR B 38 -30.54 8.41 -26.88
CA THR B 38 -31.68 9.31 -26.84
C THR B 38 -32.95 8.51 -27.07
N THR B 39 -34.11 9.14 -26.87
CA THR B 39 -35.40 8.50 -27.12
C THR B 39 -35.47 8.01 -28.56
N LYS B 40 -34.95 8.82 -29.50
CA LYS B 40 -34.87 8.42 -30.90
C LYS B 40 -34.00 7.19 -31.04
N GLY B 41 -32.79 7.26 -30.47
CA GLY B 41 -31.83 6.16 -30.53
C GLY B 41 -32.41 4.86 -30.00
N HIS B 42 -33.14 4.94 -28.88
CA HIS B 42 -33.71 3.77 -28.24
C HIS B 42 -34.77 3.15 -29.16
N ASP B 43 -35.59 3.99 -29.80
CA ASP B 43 -36.59 3.52 -30.74
C ASP B 43 -35.92 2.95 -31.99
N GLU B 44 -34.80 3.55 -32.39
CA GLU B 44 -34.04 3.10 -33.54
C GLU B 44 -33.42 1.73 -33.26
N LEU B 45 -32.93 1.53 -32.02
CA LEU B 45 -32.32 0.27 -31.62
C LEU B 45 -33.33 -0.86 -31.71
N VAL B 46 -34.53 -0.65 -31.16
CA VAL B 46 -35.53 -1.71 -31.10
C VAL B 46 -35.91 -2.11 -32.52
N SER B 47 -36.09 -1.12 -33.40
CA SER B 47 -36.49 -1.37 -34.78
C SER B 47 -35.39 -2.14 -35.52
N TRP B 48 -34.12 -1.80 -35.24
CA TRP B 48 -32.98 -2.47 -35.87
C TRP B 48 -32.95 -3.95 -35.47
N LEU B 49 -33.32 -4.26 -34.23
CA LEU B 49 -33.33 -5.62 -33.74
C LEU B 49 -34.48 -6.39 -34.41
N LYS B 50 -35.66 -5.76 -34.48
CA LYS B 50 -36.84 -6.39 -35.07
C LYS B 50 -36.64 -6.54 -36.58
N GLY B 51 -35.86 -5.63 -37.17
CA GLY B 51 -35.43 -5.73 -38.56
C GLY B 51 -34.73 -7.06 -38.83
N HIS B 52 -33.81 -7.44 -37.94
CA HIS B 52 -33.07 -8.69 -38.05
C HIS B 52 -33.83 -9.84 -37.39
N LYS B 53 -35.13 -9.64 -37.14
CA LYS B 53 -36.01 -10.67 -36.62
C LYS B 53 -35.44 -11.24 -35.32
N ILE B 54 -34.96 -10.35 -34.44
CA ILE B 54 -34.47 -10.73 -33.12
C ILE B 54 -35.60 -10.42 -32.13
N ASP B 55 -36.37 -11.45 -31.79
CA ASP B 55 -37.55 -11.30 -30.96
C ASP B 55 -37.29 -11.81 -29.55
N HIS B 56 -36.52 -12.90 -29.43
CA HIS B 56 -36.06 -13.39 -28.14
C HIS B 56 -34.57 -13.06 -27.99
N ALA B 57 -34.25 -12.34 -26.90
CA ALA B 57 -32.86 -12.00 -26.60
C ALA B 57 -32.69 -11.80 -25.10
N HIS B 58 -31.44 -11.89 -24.65
CA HIS B 58 -31.05 -11.56 -23.28
C HIS B 58 -30.00 -10.47 -23.35
N ILE B 59 -30.37 -9.23 -23.00
CA ILE B 59 -29.46 -8.09 -23.07
C ILE B 59 -28.72 -7.97 -21.73
N CYS B 60 -27.45 -7.55 -21.80
CA CYS B 60 -26.63 -7.38 -20.61
C CYS B 60 -25.98 -5.99 -20.67
N ILE B 61 -26.19 -5.20 -19.60
CA ILE B 61 -25.72 -3.82 -19.53
C ILE B 61 -25.00 -3.66 -18.20
N GLU B 62 -23.98 -2.78 -18.15
CA GLU B 62 -23.33 -2.48 -16.89
C GLU B 62 -24.13 -1.42 -16.15
N ALA B 63 -24.14 -1.51 -14.80
CA ALA B 63 -24.77 -0.52 -13.95
C ALA B 63 -23.79 0.64 -13.72
N THR B 64 -23.94 1.71 -14.51
CA THR B 64 -23.02 2.85 -14.44
C THR B 64 -23.75 4.12 -13.98
N GLY B 65 -25.08 4.09 -13.91
CA GLY B 65 -25.81 5.18 -13.28
C GLY B 65 -27.13 5.47 -13.99
N THR B 66 -27.47 6.76 -14.10
CA THR B 66 -28.76 7.17 -14.60
C THR B 66 -28.75 7.23 -16.14
N TYR B 67 -27.55 7.16 -16.75
CA TYR B 67 -27.45 7.32 -18.19
C TYR B 67 -27.84 6.03 -18.90
N MET B 68 -27.81 4.89 -18.19
CA MET B 68 -28.12 3.61 -18.81
C MET B 68 -29.53 3.14 -18.45
N GLU B 69 -30.25 3.88 -17.60
CA GLU B 69 -31.55 3.43 -17.11
C GLU B 69 -32.62 3.55 -18.20
N PRO B 70 -32.71 4.64 -18.98
CA PRO B 70 -33.72 4.75 -20.04
C PRO B 70 -33.70 3.63 -21.08
N VAL B 71 -32.51 3.20 -21.52
CA VAL B 71 -32.41 2.17 -22.54
C VAL B 71 -32.84 0.83 -21.92
N ALA B 72 -32.45 0.59 -20.66
CA ALA B 72 -32.82 -0.64 -20.00
C ALA B 72 -34.34 -0.75 -19.88
N GLU B 73 -35.01 0.38 -19.61
CA GLU B 73 -36.46 0.41 -19.47
C GLU B 73 -37.12 0.19 -20.83
N CYS B 74 -36.54 0.78 -21.88
CA CYS B 74 -37.06 0.66 -23.23
C CYS B 74 -37.11 -0.80 -23.66
N LEU B 75 -36.01 -1.53 -23.43
CA LEU B 75 -35.86 -2.90 -23.90
C LEU B 75 -36.75 -3.83 -23.07
N TYR B 76 -36.85 -3.56 -21.77
CA TYR B 76 -37.70 -4.33 -20.89
C TYR B 76 -39.15 -4.24 -21.38
N ASP B 77 -39.56 -3.05 -21.84
CA ASP B 77 -40.91 -2.84 -22.35
C ASP B 77 -41.07 -3.44 -23.74
N ALA B 78 -39.96 -3.53 -24.50
CA ALA B 78 -39.97 -4.13 -25.82
C ALA B 78 -40.09 -5.65 -25.72
N GLY B 79 -39.96 -6.20 -24.51
CA GLY B 79 -40.28 -7.59 -24.24
C GLY B 79 -39.04 -8.48 -24.09
N TYR B 80 -37.84 -7.88 -24.09
CA TYR B 80 -36.60 -8.61 -23.98
C TYR B 80 -36.24 -8.83 -22.50
N ILE B 81 -35.36 -9.81 -22.24
CA ILE B 81 -34.84 -10.05 -20.90
C ILE B 81 -33.60 -9.19 -20.71
N VAL B 82 -33.62 -8.35 -19.66
CA VAL B 82 -32.56 -7.38 -19.44
C VAL B 82 -31.85 -7.75 -18.14
N SER B 83 -30.52 -7.69 -18.16
CA SER B 83 -29.70 -7.84 -16.97
C SER B 83 -28.81 -6.62 -16.81
N VAL B 84 -28.80 -6.07 -15.59
CA VAL B 84 -28.03 -4.88 -15.28
C VAL B 84 -26.99 -5.28 -14.24
N ILE B 85 -25.76 -5.51 -14.68
CA ILE B 85 -24.79 -6.23 -13.88
C ILE B 85 -23.91 -5.23 -13.12
N ASN B 86 -23.49 -5.65 -11.92
CA ASN B 86 -22.47 -4.96 -11.15
C ASN B 86 -21.21 -4.88 -11.98
N PRO B 87 -20.67 -3.68 -12.34
CA PRO B 87 -19.57 -3.59 -13.29
C PRO B 87 -18.29 -4.29 -12.84
N ALA B 88 -18.13 -4.51 -11.53
CA ALA B 88 -16.95 -5.21 -11.02
C ALA B 88 -16.93 -6.64 -11.51
N LEU B 89 -18.13 -7.23 -11.71
CA LEU B 89 -18.26 -8.55 -12.27
C LEU B 89 -17.71 -8.54 -13.71
N GLY B 90 -18.02 -7.48 -14.44
CA GLY B 90 -17.56 -7.31 -15.81
C GLY B 90 -16.03 -7.36 -15.91
N LYS B 91 -15.37 -6.56 -15.08
CA LYS B 91 -13.92 -6.46 -15.10
C LYS B 91 -13.29 -7.80 -14.76
N ALA B 92 -13.86 -8.50 -13.75
CA ALA B 92 -13.33 -9.77 -13.30
C ALA B 92 -13.52 -10.84 -14.37
N PHE B 93 -14.67 -10.81 -15.06
CA PHE B 93 -14.93 -11.77 -16.12
C PHE B 93 -13.90 -11.64 -17.24
N ALA B 94 -13.56 -10.41 -17.61
CA ALA B 94 -12.56 -10.15 -18.63
C ALA B 94 -11.23 -10.81 -18.27
N GLN B 95 -10.85 -10.73 -16.98
CA GLN B 95 -9.58 -11.29 -16.52
C GLN B 95 -9.65 -12.81 -16.44
N SER B 96 -10.86 -13.37 -16.34
CA SER B 96 -11.04 -14.81 -16.32
C SER B 96 -10.97 -15.39 -17.74
N GLU B 97 -11.04 -14.52 -18.75
CA GLU B 97 -11.12 -14.95 -20.14
C GLU B 97 -9.73 -15.05 -20.77
N GLY B 98 -8.71 -14.49 -20.10
CA GLY B 98 -7.34 -14.65 -20.56
C GLY B 98 -6.33 -14.02 -19.62
N LEU B 99 -5.06 -14.38 -19.80
CA LEU B 99 -3.98 -13.96 -18.90
C LEU B 99 -3.30 -12.68 -19.41
N ARG B 100 -3.42 -12.38 -20.71
CA ARG B 100 -2.70 -11.26 -21.29
C ARG B 100 -3.60 -10.51 -22.26
N ASN B 101 -4.77 -10.08 -21.78
CA ASN B 101 -5.74 -9.35 -22.60
C ASN B 101 -5.13 -8.02 -23.04
N LYS B 102 -5.48 -7.58 -24.26
CA LYS B 102 -4.98 -6.34 -24.84
C LYS B 102 -5.20 -5.20 -23.86
N THR B 103 -6.44 -5.09 -23.34
CA THR B 103 -6.81 -4.05 -22.39
C THR B 103 -7.64 -4.67 -21.26
N ASP B 104 -7.82 -3.90 -20.19
CA ASP B 104 -8.65 -4.31 -19.05
C ASP B 104 -10.10 -3.86 -19.26
N THR B 105 -10.33 -2.99 -20.26
CA THR B 105 -11.63 -2.39 -20.52
C THR B 105 -12.65 -3.48 -20.90
N VAL B 106 -13.92 -3.22 -20.61
CA VAL B 106 -15.01 -4.14 -20.93
C VAL B 106 -15.88 -3.49 -22.00
N ASP B 107 -16.11 -4.22 -23.10
CA ASP B 107 -16.83 -3.66 -24.24
C ASP B 107 -18.07 -4.52 -24.53
N ALA B 108 -18.83 -4.14 -25.55
CA ALA B 108 -20.13 -4.74 -25.80
C ALA B 108 -20.00 -6.22 -26.17
N ARG B 109 -18.90 -6.58 -26.84
CA ARG B 109 -18.66 -7.96 -27.24
C ARG B 109 -18.44 -8.82 -25.98
N MET B 110 -17.63 -8.30 -25.05
CA MET B 110 -17.37 -8.97 -23.79
C MET B 110 -18.67 -9.17 -23.01
N LEU B 111 -19.59 -8.19 -23.08
CA LEU B 111 -20.84 -8.26 -22.33
C LEU B 111 -21.77 -9.30 -22.92
N ALA B 112 -21.71 -9.51 -24.24
CA ALA B 112 -22.53 -10.52 -24.90
C ALA B 112 -22.07 -11.90 -24.46
N GLU B 113 -20.74 -12.07 -24.35
CA GLU B 113 -20.14 -13.34 -23.94
C GLU B 113 -20.40 -13.58 -22.46
N PHE B 114 -20.31 -12.53 -21.64
CA PHE B 114 -20.69 -12.59 -20.23
C PHE B 114 -22.11 -13.12 -20.10
N CYS B 115 -23.00 -12.62 -20.95
CA CYS B 115 -24.42 -12.94 -20.87
C CYS B 115 -24.65 -14.41 -21.23
N ARG B 116 -23.97 -14.88 -22.28
CA ARG B 116 -24.12 -16.26 -22.76
C ARG B 116 -23.66 -17.25 -21.68
N GLN B 117 -22.47 -16.99 -21.09
CA GLN B 117 -21.85 -17.95 -20.18
C GLN B 117 -22.56 -18.00 -18.84
N LYS B 118 -23.04 -16.84 -18.35
CA LYS B 118 -23.51 -16.74 -16.98
C LYS B 118 -25.04 -16.70 -16.89
N ARG B 119 -25.73 -16.32 -17.98
CA ARG B 119 -27.19 -16.18 -17.97
C ARG B 119 -27.64 -15.47 -16.69
N PRO B 120 -27.23 -14.20 -16.46
CA PRO B 120 -27.51 -13.54 -15.18
C PRO B 120 -29.00 -13.32 -14.91
N ALA B 121 -29.32 -12.97 -13.65
CA ALA B 121 -30.68 -12.79 -13.21
C ALA B 121 -31.31 -11.57 -13.88
N ALA B 122 -32.63 -11.63 -14.10
CA ALA B 122 -33.34 -10.61 -14.84
C ALA B 122 -33.58 -9.38 -13.98
N TRP B 123 -33.42 -8.21 -14.59
CA TRP B 123 -33.63 -6.93 -13.92
C TRP B 123 -35.10 -6.53 -14.05
N GLU B 124 -35.62 -5.90 -13.00
CA GLU B 124 -36.98 -5.37 -13.00
C GLU B 124 -36.92 -3.88 -12.66
N ALA B 125 -37.64 -3.06 -13.42
CA ALA B 125 -37.73 -1.64 -13.14
C ALA B 125 -38.40 -1.45 -11.79
N PRO B 126 -37.88 -0.59 -10.87
CA PRO B 126 -38.50 -0.43 -9.56
C PRO B 126 -39.89 0.20 -9.66
N HIS B 127 -40.66 0.05 -8.58
CA HIS B 127 -41.95 0.69 -8.46
C HIS B 127 -41.74 2.20 -8.43
N PRO B 128 -42.61 3.04 -9.02
CA PRO B 128 -42.49 4.49 -8.91
C PRO B 128 -42.35 5.02 -7.48
N LEU B 129 -43.00 4.37 -6.50
CA LEU B 129 -42.93 4.76 -5.11
C LEU B 129 -41.61 4.33 -4.50
N GLU B 130 -41.12 3.13 -4.88
CA GLU B 130 -39.83 2.65 -4.41
C GLU B 130 -38.74 3.57 -4.92
N ARG B 131 -38.90 4.08 -6.15
CA ARG B 131 -37.95 4.99 -6.75
C ARG B 131 -38.01 6.35 -6.03
N ALA B 132 -39.21 6.83 -5.73
CA ALA B 132 -39.37 8.11 -5.04
C ALA B 132 -38.75 8.03 -3.65
N LEU B 133 -39.05 6.95 -2.92
CA LEU B 133 -38.63 6.84 -1.53
C LEU B 133 -37.11 6.78 -1.46
N ARG B 134 -36.49 6.02 -2.37
CA ARG B 134 -35.03 5.93 -2.34
C ARG B 134 -34.42 7.30 -2.62
N ALA B 135 -34.99 8.02 -3.60
CA ALA B 135 -34.52 9.34 -3.97
C ALA B 135 -34.57 10.31 -2.79
N LEU B 136 -35.66 10.28 -2.01
CA LEU B 136 -35.81 11.18 -0.87
C LEU B 136 -34.82 10.81 0.22
N VAL B 137 -34.64 9.52 0.49
CA VAL B 137 -33.77 9.05 1.55
C VAL B 137 -32.32 9.44 1.22
N VAL B 138 -31.93 9.25 -0.05
CA VAL B 138 -30.60 9.60 -0.51
C VAL B 138 -30.37 11.11 -0.36
N ARG B 139 -31.37 11.92 -0.71
CA ARG B 139 -31.27 13.35 -0.59
C ARG B 139 -31.05 13.73 0.88
N HIS B 140 -31.82 13.10 1.78
CA HIS B 140 -31.70 13.33 3.21
C HIS B 140 -30.28 13.06 3.68
N GLN B 141 -29.65 11.98 3.23
CA GLN B 141 -28.31 11.63 3.66
C GLN B 141 -27.32 12.70 3.21
N ALA B 142 -27.50 13.23 1.98
CA ALA B 142 -26.65 14.29 1.45
C ALA B 142 -26.74 15.54 2.33
N LEU B 143 -27.95 15.91 2.72
CA LEU B 143 -28.16 17.10 3.53
C LEU B 143 -27.58 16.92 4.94
N THR B 144 -27.53 15.69 5.42
CA THR B 144 -26.97 15.42 6.73
C THR B 144 -25.46 15.61 6.70
N ASP B 145 -24.81 15.13 5.64
CA ASP B 145 -23.36 15.24 5.51
C ASP B 145 -22.95 16.70 5.45
N MET B 146 -23.71 17.51 4.71
CA MET B 146 -23.44 18.92 4.60
C MET B 146 -23.65 19.59 5.95
N HIS B 147 -24.70 19.19 6.67
CA HIS B 147 -24.94 19.72 8.00
C HIS B 147 -23.77 19.37 8.92
N THR B 148 -23.23 18.16 8.80
CA THR B 148 -22.13 17.71 9.64
C THR B 148 -20.87 18.52 9.33
N GLN B 149 -20.64 18.82 8.04
CA GLN B 149 -19.54 19.68 7.63
C GLN B 149 -19.61 21.03 8.35
N GLU B 150 -20.78 21.67 8.35
CA GLU B 150 -20.92 23.00 8.93
C GLU B 150 -20.82 22.94 10.46
N LEU B 151 -21.29 21.85 11.09
CA LEU B 151 -21.15 21.68 12.53
C LEU B 151 -19.67 21.63 12.91
N ASN B 152 -18.87 20.86 12.16
CA ASN B 152 -17.45 20.73 12.43
C ASN B 152 -16.77 22.08 12.31
N ARG B 153 -17.23 22.92 11.38
CA ARG B 153 -16.58 24.19 11.11
C ARG B 153 -16.87 25.19 12.23
N THR B 154 -18.07 25.10 12.83
CA THR B 154 -18.44 25.95 13.94
C THR B 154 -17.35 25.93 15.01
N GLU B 155 -16.80 24.74 15.27
CA GLU B 155 -15.86 24.52 16.36
C GLU B 155 -14.68 25.49 16.28
N THR B 156 -14.05 25.60 15.11
CA THR B 156 -12.81 26.32 14.96
C THR B 156 -12.98 27.54 14.05
N ALA B 157 -14.21 28.04 13.89
CA ALA B 157 -14.46 29.15 12.97
C ALA B 157 -13.85 30.44 13.52
N ARG B 158 -13.44 31.32 12.61
CA ARG B 158 -13.11 32.69 12.96
C ARG B 158 -14.43 33.44 13.17
N GLU B 159 -14.38 34.55 13.91
CA GLU B 159 -15.59 35.30 14.24
C GLU B 159 -16.23 35.87 12.97
N VAL B 160 -15.43 36.30 12.00
CA VAL B 160 -15.96 36.91 10.78
C VAL B 160 -16.67 35.85 9.94
N GLN B 161 -16.41 34.56 10.20
CA GLN B 161 -17.02 33.47 9.46
C GLN B 161 -18.33 33.01 10.11
N ARG B 162 -18.52 33.27 11.41
CA ARG B 162 -19.55 32.58 12.18
C ARG B 162 -20.96 32.95 11.70
N PRO B 163 -21.30 34.22 11.42
CA PRO B 163 -22.61 34.53 10.84
C PRO B 163 -22.97 33.64 9.65
N SER B 164 -22.01 33.41 8.75
CA SER B 164 -22.22 32.64 7.55
C SER B 164 -22.56 31.19 7.89
N ILE B 165 -21.87 30.63 8.89
CA ILE B 165 -22.02 29.23 9.25
C ILE B 165 -23.33 29.05 10.02
N ASP B 166 -23.67 30.01 10.89
CA ASP B 166 -24.88 29.92 11.68
C ASP B 166 -26.12 30.02 10.80
N ALA B 167 -26.06 30.86 9.75
CA ALA B 167 -27.20 31.04 8.87
C ALA B 167 -27.42 29.79 8.03
N HIS B 168 -26.33 29.15 7.60
CA HIS B 168 -26.42 27.95 6.79
C HIS B 168 -26.99 26.79 7.62
N LEU B 169 -26.53 26.67 8.87
CA LEU B 169 -26.97 25.62 9.77
C LEU B 169 -28.48 25.68 9.96
N LEU B 170 -29.03 26.89 10.11
CA LEU B 170 -30.46 27.04 10.26
C LEU B 170 -31.18 26.59 8.99
N TRP B 171 -30.67 27.03 7.82
CA TRP B 171 -31.29 26.67 6.56
C TRP B 171 -31.34 25.15 6.40
N LEU B 172 -30.23 24.47 6.71
CA LEU B 172 -30.11 23.03 6.52
C LEU B 172 -31.00 22.27 7.51
N GLU B 173 -31.12 22.79 8.73
CA GLU B 173 -31.93 22.14 9.75
C GLU B 173 -33.40 22.15 9.34
N ALA B 174 -33.86 23.29 8.81
CA ALA B 174 -35.24 23.42 8.35
C ALA B 174 -35.48 22.51 7.16
N GLU B 175 -34.48 22.38 6.28
CA GLU B 175 -34.63 21.62 5.05
C GLU B 175 -34.69 20.12 5.38
N LEU B 176 -33.87 19.68 6.34
CA LEU B 176 -33.87 18.30 6.80
C LEU B 176 -35.21 17.96 7.44
N LYS B 177 -35.80 18.90 8.18
CA LYS B 177 -37.07 18.69 8.84
C LYS B 177 -38.18 18.58 7.79
N ARG B 178 -38.07 19.40 6.74
CA ARG B 178 -39.06 19.44 5.67
C ARG B 178 -39.06 18.11 4.92
N LEU B 179 -37.86 17.56 4.72
CA LEU B 179 -37.68 16.38 3.89
C LEU B 179 -38.13 15.14 4.65
N GLU B 180 -37.95 15.15 5.98
CA GLU B 180 -38.41 14.07 6.85
C GLU B 180 -39.92 13.95 6.77
N LYS B 181 -40.62 15.09 6.63
CA LYS B 181 -42.07 15.09 6.59
C LYS B 181 -42.55 14.58 5.23
N GLN B 182 -41.81 14.93 4.18
CA GLN B 182 -42.12 14.47 2.84
C GLN B 182 -41.97 12.94 2.76
N ILE B 183 -41.00 12.39 3.51
CA ILE B 183 -40.81 10.96 3.59
C ILE B 183 -41.96 10.35 4.39
N LYS B 184 -42.37 11.00 5.47
CA LYS B 184 -43.44 10.48 6.30
C LYS B 184 -44.76 10.47 5.53
N ASP B 185 -44.98 11.49 4.70
CA ASP B 185 -46.20 11.60 3.92
C ASP B 185 -46.23 10.54 2.82
N LEU B 186 -45.06 10.21 2.27
CA LEU B 186 -44.97 9.24 1.19
C LEU B 186 -45.40 7.87 1.72
N THR B 187 -44.86 7.46 2.87
CA THR B 187 -45.08 6.13 3.41
C THR B 187 -46.50 6.04 3.99
N ASP B 188 -47.00 7.14 4.58
CA ASP B 188 -48.33 7.15 5.16
C ASP B 188 -49.42 7.02 4.09
N ASP B 189 -49.16 7.54 2.88
CA ASP B 189 -50.19 7.59 1.85
C ASP B 189 -50.37 6.21 1.20
N ASP B 190 -49.35 5.35 1.23
CA ASP B 190 -49.43 4.03 0.65
C ASP B 190 -49.68 3.00 1.76
N PRO B 191 -50.83 2.28 1.77
CA PRO B 191 -51.13 1.37 2.88
C PRO B 191 -50.11 0.25 3.08
N ASP B 192 -49.47 -0.21 2.00
CA ASP B 192 -48.45 -1.25 2.09
C ASP B 192 -47.21 -0.71 2.78
N MET B 193 -46.73 0.48 2.36
CA MET B 193 -45.55 1.10 2.94
C MET B 193 -45.83 1.54 4.37
N LYS B 194 -47.04 2.04 4.63
CA LYS B 194 -47.40 2.45 5.98
C LYS B 194 -47.24 1.26 6.93
N HIS B 195 -47.71 0.07 6.50
CA HIS B 195 -47.69 -1.12 7.31
C HIS B 195 -46.25 -1.59 7.52
N ARG B 196 -45.51 -1.76 6.41
CA ARG B 196 -44.15 -2.28 6.46
C ARG B 196 -43.28 -1.41 7.35
N ARG B 197 -43.47 -0.09 7.28
CA ARG B 197 -42.61 0.84 8.02
C ARG B 197 -42.89 0.71 9.52
N LYS B 198 -44.17 0.50 9.88
CA LYS B 198 -44.55 0.28 11.26
C LYS B 198 -43.91 -0.99 11.81
N LEU B 199 -43.89 -2.06 11.00
CA LEU B 199 -43.28 -3.31 11.42
C LEU B 199 -41.82 -3.09 11.76
N LEU B 200 -41.07 -2.38 10.91
CA LEU B 200 -39.65 -2.17 11.10
C LEU B 200 -39.39 -1.42 12.40
N GLU B 201 -40.27 -0.47 12.74
CA GLU B 201 -40.05 0.38 13.90
C GLU B 201 -40.40 -0.36 15.19
N SER B 202 -41.07 -1.52 15.09
CA SER B 202 -41.35 -2.35 16.26
C SER B 202 -40.09 -3.03 16.77
N ILE B 203 -39.06 -3.15 15.92
CA ILE B 203 -37.78 -3.73 16.33
C ILE B 203 -37.08 -2.77 17.29
N PRO B 204 -36.69 -3.19 18.51
CA PRO B 204 -35.90 -2.34 19.41
C PRO B 204 -34.54 -1.98 18.82
N GLY B 205 -34.29 -0.67 18.69
CA GLY B 205 -33.06 -0.17 18.11
C GLY B 205 -33.25 0.39 16.70
N ILE B 206 -34.46 0.26 16.14
CA ILE B 206 -34.77 0.82 14.83
C ILE B 206 -35.90 1.84 15.00
N GLY B 207 -35.60 3.10 14.63
CA GLY B 207 -36.53 4.21 14.73
C GLY B 207 -36.87 4.78 13.35
N GLU B 208 -37.25 6.06 13.31
CA GLU B 208 -37.81 6.69 12.12
C GLU B 208 -36.77 6.79 11.00
N LYS B 209 -35.52 7.12 11.32
CA LYS B 209 -34.53 7.33 10.27
C LYS B 209 -34.09 6.00 9.67
N THR B 210 -33.92 4.96 10.50
CA THR B 210 -33.41 3.71 10.00
C THR B 210 -34.52 2.93 9.28
N SER B 211 -35.78 3.12 9.69
CA SER B 211 -36.86 2.40 9.04
C SER B 211 -36.98 2.84 7.57
N ALA B 212 -36.94 4.16 7.32
CA ALA B 212 -37.08 4.68 5.97
C ALA B 212 -35.93 4.22 5.07
N VAL B 213 -34.71 4.15 5.61
CA VAL B 213 -33.57 3.69 4.84
C VAL B 213 -33.76 2.22 4.48
N LEU B 214 -34.26 1.40 5.43
CA LEU B 214 -34.42 -0.03 5.21
C LEU B 214 -35.51 -0.27 4.16
N LEU B 215 -36.64 0.45 4.25
CA LEU B 215 -37.68 0.37 3.24
C LEU B 215 -37.11 0.74 1.87
N ALA B 216 -36.23 1.74 1.82
CA ALA B 216 -35.73 2.25 0.55
C ALA B 216 -34.99 1.17 -0.23
N TYR B 217 -34.37 0.21 0.48
CA TYR B 217 -33.56 -0.81 -0.17
C TYR B 217 -34.32 -2.14 -0.26
N ILE B 218 -35.13 -2.47 0.75
CA ILE B 218 -35.92 -3.69 0.71
C ILE B 218 -37.05 -3.50 -0.30
N GLY B 219 -37.82 -2.40 -0.16
CA GLY B 219 -38.89 -2.09 -1.09
C GLY B 219 -40.23 -2.65 -0.62
N LEU B 220 -41.17 -2.76 -1.58
CA LEU B 220 -42.54 -3.14 -1.31
C LEU B 220 -42.70 -4.66 -1.23
N LYS B 221 -41.88 -5.41 -1.98
CA LYS B 221 -42.02 -6.85 -2.06
C LYS B 221 -40.76 -7.53 -1.54
N ASP B 222 -40.89 -8.84 -1.26
CA ASP B 222 -39.82 -9.64 -0.68
C ASP B 222 -39.08 -10.35 -1.82
N ARG B 223 -37.90 -9.83 -2.17
N ARG B 223 -37.89 -9.84 -2.16
CA ARG B 223 -37.17 -10.26 -3.36
CA ARG B 223 -37.17 -10.25 -3.35
C ARG B 223 -35.89 -11.00 -2.97
C ARG B 223 -36.02 -11.18 -2.98
N PHE B 224 -35.74 -11.30 -1.68
CA PHE B 224 -34.66 -12.14 -1.18
C PHE B 224 -35.27 -13.41 -0.61
N ALA B 225 -34.72 -14.56 -1.01
CA ALA B 225 -35.22 -15.86 -0.56
C ALA B 225 -34.94 -16.04 0.93
N HIS B 226 -33.77 -15.58 1.39
CA HIS B 226 -33.36 -15.72 2.77
C HIS B 226 -32.85 -14.40 3.31
N ALA B 227 -33.06 -14.15 4.60
CA ALA B 227 -32.64 -12.92 5.25
C ALA B 227 -31.13 -12.73 5.15
N ARG B 228 -30.36 -13.82 5.15
CA ARG B 228 -28.91 -13.73 5.12
C ARG B 228 -28.45 -13.11 3.80
N GLN B 229 -29.25 -13.29 2.74
CA GLN B 229 -28.91 -12.71 1.44
C GLN B 229 -29.03 -11.19 1.48
N PHE B 230 -29.99 -10.68 2.28
CA PHE B 230 -30.15 -9.25 2.46
C PHE B 230 -28.97 -8.69 3.26
N ALA B 231 -28.43 -9.42 4.23
CA ALA B 231 -27.27 -8.92 4.95
C ALA B 231 -26.07 -8.85 4.01
N ALA B 232 -25.93 -9.86 3.13
CA ALA B 232 -24.92 -9.87 2.09
C ALA B 232 -25.07 -8.65 1.18
N PHE B 233 -26.32 -8.32 0.84
CA PHE B 233 -26.62 -7.18 -0.01
C PHE B 233 -26.08 -5.89 0.60
N ALA B 234 -26.07 -5.79 1.94
CA ALA B 234 -25.59 -4.60 2.64
C ALA B 234 -24.07 -4.62 2.80
N GLY B 235 -23.44 -5.77 2.53
CA GLY B 235 -22.00 -5.90 2.68
C GLY B 235 -21.61 -6.17 4.13
N LEU B 236 -22.54 -6.76 4.90
CA LEU B 236 -22.41 -6.88 6.35
C LEU B 236 -22.00 -8.29 6.77
N THR B 237 -21.72 -9.19 5.83
CA THR B 237 -21.43 -10.57 6.19
C THR B 237 -19.92 -10.75 6.33
N PRO B 238 -19.42 -11.58 7.27
CA PRO B 238 -18.00 -11.87 7.36
C PRO B 238 -17.48 -12.56 6.10
N ARG B 239 -16.23 -12.23 5.71
CA ARG B 239 -15.62 -12.84 4.54
C ARG B 239 -14.57 -13.85 5.03
N ARG B 240 -14.88 -15.14 4.88
CA ARG B 240 -13.96 -16.20 5.25
C ARG B 240 -12.86 -16.32 4.21
N TYR B 241 -11.64 -16.61 4.69
CA TYR B 241 -10.48 -16.79 3.84
C TYR B 241 -9.71 -18.00 4.34
N GLU B 242 -9.89 -19.14 3.68
CA GLU B 242 -9.39 -20.41 4.16
C GLU B 242 -8.98 -21.28 2.97
N SER B 243 -7.88 -22.02 3.12
CA SER B 243 -7.45 -22.98 2.11
C SER B 243 -6.43 -23.94 2.71
N GLY B 244 -6.69 -25.24 2.58
CA GLY B 244 -5.77 -26.27 3.02
C GLY B 244 -5.54 -26.18 4.53
N SER B 245 -4.35 -26.59 4.96
CA SER B 245 -3.94 -26.48 6.36
C SER B 245 -3.30 -25.12 6.63
N SER B 246 -2.65 -24.53 5.62
CA SER B 246 -1.69 -23.45 5.85
C SER B 246 -2.31 -22.07 5.68
N VAL B 247 -3.34 -21.92 4.84
CA VAL B 247 -3.85 -20.60 4.50
C VAL B 247 -5.09 -20.31 5.35
N ARG B 248 -4.95 -19.35 6.28
CA ARG B 248 -6.04 -18.93 7.15
C ARG B 248 -5.93 -17.44 7.43
N GLY B 249 -6.78 -16.65 6.76
CA GLY B 249 -6.88 -15.23 7.03
C GLY B 249 -7.78 -14.96 8.23
N ALA B 250 -7.96 -13.68 8.56
CA ALA B 250 -8.94 -13.28 9.55
C ALA B 250 -10.24 -12.93 8.83
N SER B 251 -11.37 -13.33 9.41
CA SER B 251 -12.67 -12.95 8.88
C SER B 251 -12.90 -11.46 9.17
N ARG B 252 -13.21 -10.71 8.11
CA ARG B 252 -13.51 -9.30 8.24
C ARG B 252 -14.75 -9.00 7.41
N MET B 253 -15.54 -8.03 7.87
CA MET B 253 -16.73 -7.57 7.16
C MET B 253 -16.39 -7.39 5.68
N SER B 254 -17.19 -8.01 4.80
CA SER B 254 -16.86 -8.10 3.38
C SER B 254 -16.90 -6.71 2.74
N LYS B 255 -17.89 -5.90 3.12
CA LYS B 255 -18.11 -4.57 2.58
C LYS B 255 -18.50 -4.61 1.11
N ALA B 256 -18.89 -5.79 0.60
CA ALA B 256 -19.31 -5.93 -0.78
C ALA B 256 -20.82 -5.76 -0.89
N GLY B 257 -21.27 -4.51 -0.78
CA GLY B 257 -22.68 -4.16 -0.83
C GLY B 257 -22.86 -2.65 -0.66
N HIS B 258 -24.11 -2.19 -0.55
CA HIS B 258 -24.43 -0.77 -0.48
C HIS B 258 -23.87 -0.13 0.79
N VAL B 259 -23.16 1.00 0.64
CA VAL B 259 -22.60 1.74 1.77
C VAL B 259 -23.75 2.36 2.58
N SER B 260 -24.82 2.82 1.91
CA SER B 260 -25.88 3.55 2.60
C SER B 260 -26.46 2.73 3.76
N LEU B 261 -26.75 1.44 3.51
CA LEU B 261 -27.31 0.57 4.52
C LEU B 261 -26.30 0.38 5.64
N ARG B 262 -25.06 0.08 5.25
CA ARG B 262 -23.99 -0.19 6.19
C ARG B 262 -23.76 1.06 7.06
N ARG B 263 -23.87 2.24 6.46
CA ARG B 263 -23.71 3.50 7.17
C ARG B 263 -24.88 3.70 8.13
N ALA B 264 -26.09 3.34 7.68
CA ALA B 264 -27.30 3.66 8.41
C ALA B 264 -27.43 2.86 9.71
N LEU B 265 -26.80 1.68 9.78
CA LEU B 265 -27.09 0.72 10.82
C LEU B 265 -26.10 0.81 11.98
N TYR B 266 -25.06 1.63 11.85
CA TYR B 266 -24.01 1.68 12.86
C TYR B 266 -24.54 2.15 14.21
N MET B 267 -25.28 3.27 14.26
CA MET B 267 -25.75 3.81 15.53
C MET B 267 -26.90 2.95 16.06
N PRO B 268 -27.90 2.53 15.26
CA PRO B 268 -28.86 1.53 15.74
C PRO B 268 -28.22 0.35 16.46
N ALA B 269 -27.08 -0.11 15.94
CA ALA B 269 -26.34 -1.21 16.53
C ALA B 269 -25.78 -0.80 17.89
N MET B 270 -25.21 0.41 17.96
CA MET B 270 -24.67 0.97 19.19
C MET B 270 -25.79 1.12 20.22
N VAL B 271 -26.99 1.48 19.78
CA VAL B 271 -28.12 1.65 20.66
C VAL B 271 -28.60 0.28 21.14
N ALA B 272 -28.73 -0.67 20.21
CA ALA B 272 -29.29 -1.99 20.51
C ALA B 272 -28.45 -2.69 21.56
N THR B 273 -27.12 -2.69 21.38
CA THR B 273 -26.22 -3.43 22.27
C THR B 273 -26.13 -2.73 23.64
N SER B 274 -26.48 -1.45 23.71
CA SER B 274 -26.33 -0.67 24.93
C SER B 274 -27.61 -0.65 25.75
N LYS B 275 -28.77 -0.50 25.09
CA LYS B 275 -29.99 -0.10 25.80
C LYS B 275 -31.08 -1.17 25.73
N THR B 276 -31.20 -1.90 24.61
CA THR B 276 -32.28 -2.86 24.46
C THR B 276 -31.89 -4.15 25.19
N GLU B 277 -32.88 -5.00 25.45
CA GLU B 277 -32.67 -6.26 26.16
C GLU B 277 -31.99 -7.26 25.23
N TRP B 278 -32.60 -7.52 24.07
CA TRP B 278 -32.13 -8.54 23.13
C TRP B 278 -30.73 -8.20 22.61
N GLY B 279 -30.41 -6.90 22.52
CA GLY B 279 -29.11 -6.44 22.07
C GLY B 279 -28.03 -6.62 23.15
N ARG B 280 -28.40 -6.32 24.41
CA ARG B 280 -27.49 -6.51 25.54
C ARG B 280 -27.21 -8.01 25.70
N ALA B 281 -28.26 -8.83 25.62
CA ALA B 281 -28.13 -10.28 25.63
C ALA B 281 -27.07 -10.73 24.62
N PHE B 282 -27.13 -10.19 23.40
CA PHE B 282 -26.22 -10.56 22.32
C PHE B 282 -24.83 -10.01 22.60
N ARG B 283 -24.74 -8.78 23.10
CA ARG B 283 -23.46 -8.17 23.42
C ARG B 283 -22.73 -9.00 24.48
N ASP B 284 -23.47 -9.40 25.52
CA ASP B 284 -22.90 -10.10 26.67
C ASP B 284 -22.25 -11.41 26.24
N ARG B 285 -22.98 -12.24 25.48
CA ARG B 285 -22.48 -13.54 25.07
C ARG B 285 -21.21 -13.38 24.23
N LEU B 286 -21.25 -12.46 23.24
CA LEU B 286 -20.10 -12.22 22.39
C LEU B 286 -18.93 -11.70 23.23
N ALA B 287 -19.22 -10.84 24.22
CA ALA B 287 -18.21 -10.23 25.06
C ALA B 287 -17.62 -11.25 26.04
N ALA B 288 -18.40 -12.28 26.40
CA ALA B 288 -17.92 -13.38 27.23
C ALA B 288 -16.75 -14.07 26.54
N ASN B 289 -16.90 -14.37 25.23
CA ASN B 289 -15.77 -14.65 24.37
C ASN B 289 -14.97 -13.37 24.21
N GLY B 290 -13.73 -13.47 23.70
CA GLY B 290 -12.85 -12.32 23.64
C GLY B 290 -13.13 -11.46 22.41
N LYS B 291 -14.37 -10.96 22.28
CA LYS B 291 -14.75 -10.12 21.16
C LYS B 291 -14.67 -8.65 21.60
N LYS B 292 -14.02 -7.83 20.76
CA LYS B 292 -13.84 -6.41 21.04
C LYS B 292 -15.15 -5.66 20.79
N GLY B 293 -15.17 -4.38 21.18
CA GLY B 293 -16.38 -3.56 21.14
C GLY B 293 -16.91 -3.34 19.73
N LYS B 294 -16.01 -2.94 18.81
CA LYS B 294 -16.40 -2.67 17.43
C LYS B 294 -16.75 -3.96 16.70
N VAL B 295 -16.14 -5.08 17.10
CA VAL B 295 -16.44 -6.37 16.52
C VAL B 295 -17.89 -6.74 16.84
N ILE B 296 -18.35 -6.42 18.05
CA ILE B 296 -19.72 -6.72 18.43
C ILE B 296 -20.67 -5.80 17.66
N LEU B 297 -20.28 -4.54 17.46
CA LEU B 297 -21.10 -3.61 16.70
C LEU B 297 -21.29 -4.16 15.28
N GLY B 298 -20.19 -4.54 14.63
CA GLY B 298 -20.24 -5.21 13.34
C GLY B 298 -21.28 -6.34 13.35
N ALA B 299 -21.19 -7.22 14.34
CA ALA B 299 -22.10 -8.35 14.44
C ALA B 299 -23.56 -7.89 14.59
N MET B 300 -23.79 -6.84 15.39
CA MET B 300 -25.16 -6.38 15.63
C MET B 300 -25.73 -5.71 14.39
N MET B 301 -24.87 -5.06 13.59
CA MET B 301 -25.30 -4.45 12.34
C MET B 301 -25.86 -5.52 11.40
N ARG B 302 -25.14 -6.64 11.27
CA ARG B 302 -25.59 -7.75 10.46
C ARG B 302 -26.93 -8.26 10.98
N LYS B 303 -27.02 -8.48 12.29
CA LYS B 303 -28.22 -9.05 12.89
C LYS B 303 -29.43 -8.15 12.66
N LEU B 304 -29.25 -6.82 12.82
CA LEU B 304 -30.33 -5.87 12.63
C LEU B 304 -30.84 -5.96 11.19
N ALA B 305 -29.92 -5.97 10.21
CA ALA B 305 -30.28 -6.12 8.81
C ALA B 305 -31.15 -7.37 8.60
N GLN B 306 -30.71 -8.47 9.22
CA GLN B 306 -31.29 -9.78 9.01
C GLN B 306 -32.65 -9.91 9.68
N VAL B 307 -32.79 -9.31 10.87
CA VAL B 307 -34.06 -9.33 11.59
C VAL B 307 -35.03 -8.37 10.91
N ALA B 308 -34.52 -7.25 10.38
CA ALA B 308 -35.35 -6.31 9.64
C ALA B 308 -36.04 -7.03 8.48
N TYR B 309 -35.27 -7.79 7.69
CA TYR B 309 -35.84 -8.52 6.57
C TYR B 309 -36.74 -9.64 7.08
N GLY B 310 -36.27 -10.37 8.10
CA GLY B 310 -37.04 -11.44 8.72
C GLY B 310 -38.43 -10.99 9.13
N VAL B 311 -38.52 -9.88 9.88
CA VAL B 311 -39.78 -9.40 10.45
C VAL B 311 -40.74 -8.99 9.34
N LEU B 312 -40.22 -8.40 8.26
CA LEU B 312 -41.08 -7.99 7.15
C LEU B 312 -41.63 -9.22 6.44
N LYS B 313 -40.79 -10.25 6.28
CA LYS B 313 -41.21 -11.49 5.65
C LYS B 313 -42.27 -12.16 6.51
N SER B 314 -42.10 -12.13 7.84
CA SER B 314 -43.05 -12.73 8.76
C SER B 314 -44.39 -12.01 8.71
N GLY B 315 -44.35 -10.69 8.51
CA GLY B 315 -45.56 -9.90 8.35
C GLY B 315 -46.21 -9.54 9.69
N VAL B 316 -45.52 -9.80 10.81
CA VAL B 316 -46.06 -9.53 12.13
C VAL B 316 -45.00 -8.79 12.94
N PRO B 317 -45.39 -7.95 13.95
CA PRO B 317 -44.43 -7.18 14.74
C PRO B 317 -43.31 -8.01 15.36
N PHE B 318 -42.26 -7.31 15.80
CA PHE B 318 -41.11 -7.93 16.43
C PHE B 318 -41.55 -8.68 17.68
N ASP B 319 -41.33 -10.01 17.66
CA ASP B 319 -41.59 -10.89 18.79
C ASP B 319 -40.29 -11.15 19.53
N ALA B 320 -40.22 -10.73 20.81
CA ALA B 320 -38.99 -10.84 21.60
C ALA B 320 -38.77 -12.28 22.05
N SER B 321 -39.84 -13.10 22.06
CA SER B 321 -39.75 -14.49 22.46
C SER B 321 -38.81 -15.27 21.54
N ARG B 322 -38.60 -14.77 20.32
CA ARG B 322 -37.77 -15.43 19.32
C ARG B 322 -36.30 -15.11 19.53
N HIS B 323 -35.97 -14.30 20.55
CA HIS B 323 -34.60 -13.89 20.80
C HIS B 323 -34.32 -14.02 22.30
N LEU C 7 -22.61 -35.59 -19.92
CA LEU C 7 -21.26 -35.08 -19.55
C LEU C 7 -21.34 -34.31 -18.25
N HIS C 8 -20.72 -34.87 -17.20
CA HIS C 8 -20.63 -34.22 -15.90
C HIS C 8 -19.48 -33.22 -15.90
N TYR C 9 -19.56 -32.26 -14.97
CA TYR C 9 -18.50 -31.30 -14.74
C TYR C 9 -18.04 -31.43 -13.30
N ILE C 10 -16.73 -31.57 -13.08
CA ILE C 10 -16.20 -31.89 -11.76
C ILE C 10 -15.09 -30.90 -11.41
N GLY C 11 -15.24 -30.23 -10.27
CA GLY C 11 -14.19 -29.39 -9.72
C GLY C 11 -13.50 -30.10 -8.56
N ILE C 12 -12.17 -29.97 -8.49
CA ILE C 12 -11.40 -30.51 -7.38
C ILE C 12 -10.56 -29.39 -6.77
N ASP C 13 -10.75 -29.10 -5.48
CA ASP C 13 -9.84 -28.20 -4.76
C ASP C 13 -8.81 -29.05 -4.02
N THR C 14 -7.53 -28.70 -4.17
CA THR C 14 -6.42 -29.56 -3.77
C THR C 14 -5.75 -28.97 -2.54
N ALA C 15 -5.41 -29.84 -1.60
CA ALA C 15 -4.55 -29.48 -0.48
C ALA C 15 -3.41 -30.50 -0.41
N LYS C 16 -2.47 -30.30 0.52
CA LYS C 16 -1.41 -31.27 0.72
C LYS C 16 -2.02 -32.63 1.07
N GLU C 17 -2.97 -32.64 2.02
CA GLU C 17 -3.44 -33.87 2.63
C GLU C 17 -4.78 -34.34 2.06
N LYS C 18 -5.67 -33.42 1.66
CA LYS C 18 -7.03 -33.79 1.27
C LYS C 18 -7.38 -33.20 -0.09
N LEU C 19 -8.41 -33.79 -0.74
CA LEU C 19 -9.07 -33.26 -1.93
C LEU C 19 -10.53 -32.99 -1.59
N ASP C 20 -11.10 -31.91 -2.13
CA ASP C 20 -12.52 -31.63 -2.05
C ASP C 20 -13.11 -31.65 -3.45
N VAL C 21 -14.09 -32.54 -3.68
CA VAL C 21 -14.61 -32.80 -5.00
C VAL C 21 -16.07 -32.33 -5.05
N ASP C 22 -16.47 -31.77 -6.21
CA ASP C 22 -17.81 -31.24 -6.41
C ASP C 22 -18.27 -31.60 -7.81
N VAL C 23 -19.27 -32.48 -7.90
CA VAL C 23 -19.78 -32.97 -9.16
C VAL C 23 -21.02 -32.16 -9.52
N LEU C 24 -21.06 -31.61 -10.75
CA LEU C 24 -22.20 -30.87 -11.24
C LEU C 24 -22.91 -31.71 -12.29
N ARG C 25 -24.08 -32.24 -11.94
CA ARG C 25 -24.81 -33.19 -12.76
C ARG C 25 -25.49 -32.44 -13.91
N PRO C 26 -25.78 -33.08 -15.07
CA PRO C 26 -26.48 -32.42 -16.15
C PRO C 26 -27.81 -31.76 -15.74
N ASP C 27 -28.50 -32.36 -14.75
CA ASP C 27 -29.76 -31.83 -14.26
C ASP C 27 -29.53 -30.55 -13.45
N GLY C 28 -28.32 -30.40 -12.88
CA GLY C 28 -27.92 -29.15 -12.23
C GLY C 28 -27.73 -29.31 -10.73
N ARG C 29 -27.91 -30.54 -10.21
CA ARG C 29 -27.70 -30.84 -8.81
C ARG C 29 -26.21 -31.17 -8.59
N HIS C 30 -25.78 -31.13 -7.33
CA HIS C 30 -24.37 -31.34 -6.97
C HIS C 30 -24.21 -32.60 -6.14
N ARG C 31 -23.02 -33.24 -6.28
CA ARG C 31 -22.56 -34.26 -5.35
C ARG C 31 -21.19 -33.83 -4.83
N THR C 32 -20.92 -34.04 -3.54
CA THR C 32 -19.68 -33.56 -2.93
C THR C 32 -19.15 -34.63 -1.98
N LYS C 33 -17.81 -34.72 -1.91
CA LYS C 33 -17.14 -35.62 -0.99
C LYS C 33 -15.68 -35.20 -0.84
N LYS C 34 -15.11 -35.49 0.34
CA LYS C 34 -13.70 -35.29 0.61
C LYS C 34 -12.98 -36.63 0.48
N PHE C 35 -11.72 -36.58 0.00
CA PHE C 35 -10.86 -37.75 -0.06
C PHE C 35 -9.46 -37.38 0.43
N ALA C 36 -8.71 -38.37 0.91
CA ALA C 36 -7.30 -38.20 1.23
C ALA C 36 -6.51 -38.04 -0.06
N ASN C 37 -5.49 -37.18 -0.04
CA ASN C 37 -4.68 -36.90 -1.22
C ASN C 37 -3.58 -37.95 -1.30
N THR C 38 -3.98 -39.21 -1.46
CA THR C 38 -3.07 -40.36 -1.43
C THR C 38 -3.47 -41.31 -2.54
N THR C 39 -2.60 -42.29 -2.84
CA THR C 39 -2.89 -43.30 -3.86
C THR C 39 -4.19 -44.02 -3.50
N LYS C 40 -4.38 -44.32 -2.21
CA LYS C 40 -5.58 -44.99 -1.74
C LYS C 40 -6.78 -44.07 -1.94
N GLY C 41 -6.62 -42.79 -1.60
CA GLY C 41 -7.66 -41.79 -1.76
C GLY C 41 -8.08 -41.64 -3.22
N HIS C 42 -7.09 -41.64 -4.13
CA HIS C 42 -7.34 -41.44 -5.55
C HIS C 42 -8.13 -42.62 -6.11
N ASP C 43 -7.89 -43.82 -5.55
CA ASP C 43 -8.60 -45.02 -5.97
C ASP C 43 -10.04 -44.97 -5.48
N GLU C 44 -10.25 -44.47 -4.25
CA GLU C 44 -11.59 -44.26 -3.73
C GLU C 44 -12.37 -43.30 -4.64
N LEU C 45 -11.69 -42.24 -5.11
CA LEU C 45 -12.31 -41.22 -5.93
C LEU C 45 -12.85 -41.84 -7.22
N VAL C 46 -12.02 -42.63 -7.91
CA VAL C 46 -12.42 -43.21 -9.19
C VAL C 46 -13.57 -44.19 -8.95
N SER C 47 -13.50 -44.97 -7.86
CA SER C 47 -14.55 -45.91 -7.51
C SER C 47 -15.88 -45.18 -7.28
N TRP C 48 -15.83 -44.08 -6.52
CA TRP C 48 -17.00 -43.31 -6.14
C TRP C 48 -17.69 -42.74 -7.39
N LEU C 49 -16.90 -42.29 -8.36
CA LEU C 49 -17.43 -41.73 -9.59
C LEU C 49 -18.11 -42.82 -10.40
N LYS C 50 -17.48 -44.00 -10.50
CA LYS C 50 -18.02 -45.10 -11.28
C LYS C 50 -19.15 -45.78 -10.51
N GLY C 51 -19.18 -45.58 -9.20
CA GLY C 51 -20.33 -45.94 -8.38
C GLY C 51 -21.59 -45.20 -8.83
N HIS C 52 -21.47 -43.87 -8.99
CA HIS C 52 -22.59 -43.03 -9.39
C HIS C 52 -22.77 -43.03 -10.91
N LYS C 53 -22.11 -43.96 -11.61
CA LYS C 53 -22.24 -44.13 -13.05
C LYS C 53 -21.82 -42.85 -13.76
N ILE C 54 -20.70 -42.24 -13.31
CA ILE C 54 -20.11 -41.09 -13.97
C ILE C 54 -18.92 -41.60 -14.78
N ASP C 55 -19.14 -41.83 -16.08
CA ASP C 55 -18.15 -42.42 -16.95
C ASP C 55 -17.53 -41.36 -17.86
N HIS C 56 -18.34 -40.37 -18.26
CA HIS C 56 -17.91 -39.29 -19.14
C HIS C 56 -17.98 -37.98 -18.36
N ALA C 57 -16.82 -37.40 -18.05
CA ALA C 57 -16.75 -36.19 -17.25
C ALA C 57 -15.55 -35.33 -17.66
N HIS C 58 -15.72 -34.00 -17.55
CA HIS C 58 -14.63 -33.06 -17.71
C HIS C 58 -14.27 -32.50 -16.34
N ILE C 59 -13.01 -32.69 -15.94
CA ILE C 59 -12.57 -32.39 -14.59
C ILE C 59 -11.65 -31.18 -14.64
N CYS C 60 -11.87 -30.22 -13.73
CA CYS C 60 -11.11 -28.99 -13.67
C CYS C 60 -10.39 -28.92 -12.33
N ILE C 61 -9.08 -28.67 -12.36
CA ILE C 61 -8.27 -28.63 -11.15
C ILE C 61 -7.22 -27.53 -11.32
N GLU C 62 -6.88 -26.84 -10.21
CA GLU C 62 -5.94 -25.73 -10.28
C GLU C 62 -4.53 -26.21 -9.96
N ALA C 63 -3.56 -25.64 -10.67
CA ALA C 63 -2.15 -25.86 -10.39
C ALA C 63 -1.84 -25.40 -8.97
N THR C 64 -1.63 -26.36 -8.07
CA THR C 64 -1.45 -26.08 -6.66
C THR C 64 -0.18 -26.78 -6.21
N GLY C 65 0.96 -26.08 -6.30
CA GLY C 65 2.25 -26.73 -6.11
C GLY C 65 2.33 -27.95 -7.03
N THR C 66 2.80 -29.06 -6.47
CA THR C 66 2.83 -30.34 -7.16
C THR C 66 1.75 -31.26 -6.58
N TYR C 67 0.91 -30.75 -5.68
CA TYR C 67 -0.02 -31.57 -4.92
C TYR C 67 -1.19 -32.06 -5.80
N MET C 68 -1.39 -31.43 -6.97
CA MET C 68 -2.51 -31.80 -7.83
C MET C 68 -2.07 -32.84 -8.87
N GLU C 69 -0.77 -33.13 -8.98
CA GLU C 69 -0.26 -33.86 -10.13
C GLU C 69 -0.70 -35.32 -10.09
N PRO C 70 -0.48 -36.09 -8.99
CA PRO C 70 -0.87 -37.50 -8.97
C PRO C 70 -2.35 -37.77 -9.28
N VAL C 71 -3.26 -36.96 -8.75
CA VAL C 71 -4.68 -37.18 -8.96
C VAL C 71 -5.02 -36.87 -10.42
N ALA C 72 -4.39 -35.84 -10.99
CA ALA C 72 -4.62 -35.47 -12.39
C ALA C 72 -4.20 -36.59 -13.32
N GLU C 73 -3.07 -37.26 -13.02
CA GLU C 73 -2.61 -38.40 -13.81
C GLU C 73 -3.58 -39.57 -13.63
N CYS C 74 -4.03 -39.77 -12.38
CA CYS C 74 -4.89 -40.89 -12.04
C CYS C 74 -6.19 -40.83 -12.85
N LEU C 75 -6.80 -39.63 -12.91
CA LEU C 75 -8.08 -39.43 -13.57
C LEU C 75 -7.91 -39.51 -15.09
N TYR C 76 -6.78 -39.02 -15.60
CA TYR C 76 -6.50 -39.07 -17.03
C TYR C 76 -6.45 -40.52 -17.49
N ASP C 77 -5.80 -41.38 -16.69
CA ASP C 77 -5.66 -42.79 -17.03
C ASP C 77 -7.01 -43.48 -16.93
N ALA C 78 -7.86 -43.03 -15.99
CA ALA C 78 -9.18 -43.57 -15.80
C ALA C 78 -10.11 -43.17 -16.95
N GLY C 79 -9.62 -42.31 -17.84
CA GLY C 79 -10.37 -41.89 -19.02
C GLY C 79 -11.38 -40.82 -18.66
N TYR C 80 -10.89 -39.69 -18.11
CA TYR C 80 -11.67 -38.47 -18.01
C TYR C 80 -10.89 -37.35 -18.67
N ILE C 81 -11.60 -36.31 -19.11
CA ILE C 81 -10.98 -35.09 -19.59
C ILE C 81 -10.52 -34.30 -18.37
N VAL C 82 -9.22 -34.02 -18.29
CA VAL C 82 -8.66 -33.26 -17.17
C VAL C 82 -8.17 -31.93 -17.72
N SER C 83 -8.47 -30.85 -17.00
CA SER C 83 -7.91 -29.53 -17.26
C SER C 83 -7.22 -29.03 -15.99
N VAL C 84 -6.00 -28.53 -16.14
CA VAL C 84 -5.24 -27.98 -15.03
C VAL C 84 -5.08 -26.49 -15.30
N ILE C 85 -5.79 -25.65 -14.55
CA ILE C 85 -5.92 -24.25 -14.89
C ILE C 85 -4.92 -23.41 -14.10
N ASN C 86 -4.42 -22.34 -14.74
CA ASN C 86 -3.64 -21.33 -14.06
C ASN C 86 -4.53 -20.75 -12.96
N PRO C 87 -4.08 -20.71 -11.69
CA PRO C 87 -4.95 -20.29 -10.60
C PRO C 87 -5.38 -18.83 -10.65
N ALA C 88 -4.65 -17.98 -11.39
CA ALA C 88 -5.07 -16.60 -11.59
C ALA C 88 -6.44 -16.55 -12.26
N LEU C 89 -6.70 -17.48 -13.19
CA LEU C 89 -7.96 -17.51 -13.91
C LEU C 89 -9.10 -17.85 -12.94
N GLY C 90 -8.86 -18.82 -12.06
CA GLY C 90 -9.85 -19.23 -11.07
C GLY C 90 -10.21 -18.09 -10.12
N LYS C 91 -9.22 -17.29 -9.74
CA LYS C 91 -9.44 -16.21 -8.81
C LYS C 91 -10.35 -15.17 -9.45
N ALA C 92 -10.03 -14.78 -10.69
CA ALA C 92 -10.83 -13.81 -11.44
C ALA C 92 -12.24 -14.37 -11.63
N PHE C 93 -12.35 -15.67 -11.89
CA PHE C 93 -13.63 -16.29 -12.12
C PHE C 93 -14.50 -16.18 -10.87
N ALA C 94 -13.89 -16.41 -9.70
CA ALA C 94 -14.61 -16.33 -8.44
C ALA C 94 -15.19 -14.93 -8.24
N GLN C 95 -14.42 -13.90 -8.57
CA GLN C 95 -14.88 -12.52 -8.46
C GLN C 95 -16.01 -12.25 -9.47
N SER C 96 -15.92 -12.84 -10.67
CA SER C 96 -16.93 -12.64 -11.70
C SER C 96 -18.26 -13.30 -11.32
N GLU C 97 -18.21 -14.29 -10.42
CA GLU C 97 -19.40 -14.96 -9.89
C GLU C 97 -19.87 -14.27 -8.62
N GLY C 98 -19.17 -13.22 -8.20
CA GLY C 98 -19.52 -12.42 -7.03
C GLY C 98 -19.56 -13.27 -5.75
N LEU C 99 -18.56 -14.16 -5.58
CA LEU C 99 -18.49 -14.99 -4.38
C LEU C 99 -17.91 -14.16 -3.24
N ARG C 100 -18.40 -14.39 -2.02
CA ARG C 100 -18.07 -13.57 -0.87
C ARG C 100 -17.29 -14.36 0.18
N ASN C 101 -16.84 -15.58 -0.14
CA ASN C 101 -16.02 -16.37 0.78
C ASN C 101 -14.98 -17.16 -0.01
N LYS C 102 -13.89 -17.54 0.65
CA LYS C 102 -12.89 -18.44 0.10
C LYS C 102 -12.73 -19.62 1.04
N THR C 103 -13.28 -20.78 0.66
CA THR C 103 -13.17 -22.00 1.43
C THR C 103 -13.01 -23.16 0.45
N ASP C 104 -12.70 -24.35 0.99
CA ASP C 104 -12.38 -25.51 0.16
C ASP C 104 -13.60 -25.95 -0.64
N THR C 105 -14.78 -25.94 -0.03
CA THR C 105 -15.98 -26.42 -0.72
C THR C 105 -16.49 -25.35 -1.68
N VAL C 106 -16.32 -24.08 -1.30
CA VAL C 106 -16.66 -22.97 -2.19
C VAL C 106 -15.80 -23.06 -3.45
N ASP C 107 -14.48 -23.33 -3.27
CA ASP C 107 -13.54 -23.44 -4.37
C ASP C 107 -13.88 -24.61 -5.29
N ALA C 108 -14.23 -25.77 -4.70
CA ALA C 108 -14.51 -26.97 -5.48
C ALA C 108 -15.73 -26.74 -6.37
N ARG C 109 -16.70 -25.96 -5.86
CA ARG C 109 -17.92 -25.68 -6.59
C ARG C 109 -17.66 -24.63 -7.67
N MET C 110 -16.80 -23.65 -7.33
CA MET C 110 -16.39 -22.63 -8.28
C MET C 110 -15.73 -23.29 -9.50
N LEU C 111 -14.92 -24.33 -9.28
CA LEU C 111 -14.18 -24.98 -10.36
C LEU C 111 -15.10 -25.82 -11.24
N ALA C 112 -16.18 -26.37 -10.68
CA ALA C 112 -17.14 -27.11 -11.49
C ALA C 112 -17.84 -26.16 -12.47
N GLU C 113 -18.18 -24.95 -12.00
CA GLU C 113 -18.81 -23.94 -12.85
C GLU C 113 -17.82 -23.40 -13.88
N PHE C 114 -16.57 -23.14 -13.45
CA PHE C 114 -15.52 -22.77 -14.38
C PHE C 114 -15.51 -23.74 -15.55
N CYS C 115 -15.57 -25.03 -15.24
CA CYS C 115 -15.45 -26.07 -16.24
C CYS C 115 -16.61 -25.98 -17.24
N ARG C 116 -17.83 -25.82 -16.73
CA ARG C 116 -19.03 -25.80 -17.57
C ARG C 116 -19.05 -24.56 -18.47
N GLN C 117 -18.70 -23.40 -17.91
CA GLN C 117 -18.84 -22.13 -18.61
C GLN C 117 -17.68 -21.92 -19.59
N LYS C 118 -16.45 -22.21 -19.15
CA LYS C 118 -15.26 -21.87 -19.92
C LYS C 118 -14.88 -23.00 -20.87
N ARG C 119 -15.20 -24.25 -20.50
CA ARG C 119 -14.84 -25.43 -21.28
C ARG C 119 -13.35 -25.37 -21.66
N PRO C 120 -12.42 -25.35 -20.67
CA PRO C 120 -11.00 -25.15 -20.97
C PRO C 120 -10.36 -26.31 -21.71
N ALA C 121 -9.17 -26.05 -22.29
CA ALA C 121 -8.43 -27.04 -23.06
C ALA C 121 -8.01 -28.20 -22.17
N ALA C 122 -7.84 -29.38 -22.80
CA ALA C 122 -7.50 -30.60 -22.08
C ALA C 122 -6.00 -30.64 -21.80
N TRP C 123 -5.66 -31.17 -20.63
CA TRP C 123 -4.28 -31.30 -20.17
C TRP C 123 -3.76 -32.68 -20.52
N GLU C 124 -2.48 -32.74 -20.90
CA GLU C 124 -1.81 -34.01 -21.16
C GLU C 124 -0.64 -34.14 -20.19
N ALA C 125 -0.47 -35.34 -19.63
CA ALA C 125 0.67 -35.62 -18.77
C ALA C 125 1.95 -35.53 -19.60
N PRO C 126 3.00 -34.82 -19.12
CA PRO C 126 4.26 -34.77 -19.86
C PRO C 126 4.96 -36.12 -19.94
N HIS C 127 5.79 -36.28 -20.98
CA HIS C 127 6.56 -37.50 -21.20
C HIS C 127 7.59 -37.64 -20.08
N PRO C 128 7.90 -38.87 -19.59
CA PRO C 128 8.91 -39.05 -18.55
C PRO C 128 10.22 -38.28 -18.75
N LEU C 129 10.70 -38.22 -20.00
CA LEU C 129 11.95 -37.52 -20.31
C LEU C 129 11.74 -36.01 -20.19
N GLU C 130 10.59 -35.52 -20.62
CA GLU C 130 10.28 -34.10 -20.51
C GLU C 130 10.29 -33.69 -19.04
N ARG C 131 9.73 -34.55 -18.18
CA ARG C 131 9.68 -34.30 -16.74
C ARG C 131 11.10 -34.23 -16.20
N ALA C 132 11.93 -35.21 -16.57
CA ALA C 132 13.28 -35.34 -16.07
C ALA C 132 14.12 -34.13 -16.47
N LEU C 133 14.06 -33.75 -17.75
CA LEU C 133 14.88 -32.65 -18.25
C LEU C 133 14.48 -31.35 -17.54
N ARG C 134 13.17 -31.11 -17.40
CA ARG C 134 12.70 -29.91 -16.74
C ARG C 134 13.23 -29.89 -15.29
N ALA C 135 13.24 -31.06 -14.64
CA ALA C 135 13.61 -31.14 -13.24
C ALA C 135 15.10 -30.89 -13.06
N LEU C 136 15.91 -31.26 -14.05
CA LEU C 136 17.34 -31.04 -13.98
C LEU C 136 17.67 -29.56 -14.26
N VAL C 137 16.92 -28.93 -15.18
CA VAL C 137 17.15 -27.55 -15.53
C VAL C 137 16.78 -26.66 -14.34
N VAL C 138 15.69 -27.01 -13.65
CA VAL C 138 15.21 -26.23 -12.52
C VAL C 138 16.21 -26.33 -11.36
N ARG C 139 16.74 -27.55 -11.14
CA ARG C 139 17.74 -27.77 -10.11
C ARG C 139 19.00 -26.97 -10.41
N HIS C 140 19.47 -27.01 -11.67
CA HIS C 140 20.66 -26.30 -12.08
C HIS C 140 20.55 -24.81 -11.80
N GLN C 141 19.36 -24.24 -11.98
CA GLN C 141 19.13 -22.82 -11.76
C GLN C 141 19.18 -22.50 -10.27
N ALA C 142 18.71 -23.43 -9.43
CA ALA C 142 18.72 -23.25 -7.99
C ALA C 142 20.16 -23.22 -7.48
N LEU C 143 21.00 -24.09 -8.02
CA LEU C 143 22.39 -24.14 -7.63
C LEU C 143 23.10 -22.87 -8.10
N THR C 144 22.79 -22.42 -9.32
CA THR C 144 23.44 -21.25 -9.89
C THR C 144 23.15 -20.04 -8.99
N ASP C 145 21.91 -19.93 -8.52
CA ASP C 145 21.51 -18.84 -7.64
C ASP C 145 22.28 -18.89 -6.32
N MET C 146 22.45 -20.09 -5.76
CA MET C 146 23.20 -20.25 -4.53
C MET C 146 24.67 -19.89 -4.77
N HIS C 147 25.19 -20.23 -5.95
CA HIS C 147 26.58 -19.93 -6.26
C HIS C 147 26.78 -18.42 -6.32
N THR C 148 25.77 -17.71 -6.84
CA THR C 148 25.85 -16.26 -6.97
C THR C 148 25.78 -15.61 -5.59
N GLN C 149 24.93 -16.15 -4.71
CA GLN C 149 24.83 -15.67 -3.35
C GLN C 149 26.21 -15.68 -2.70
N GLU C 150 26.93 -16.80 -2.86
CA GLU C 150 28.21 -16.98 -2.20
C GLU C 150 29.28 -16.12 -2.85
N LEU C 151 29.18 -15.85 -4.16
CA LEU C 151 30.09 -14.93 -4.84
C LEU C 151 29.90 -13.51 -4.33
N ASN C 152 28.65 -13.07 -4.16
CA ASN C 152 28.41 -11.74 -3.64
C ASN C 152 29.04 -11.60 -2.25
N ARG C 153 29.11 -12.71 -1.49
CA ARG C 153 29.57 -12.65 -0.12
C ARG C 153 31.07 -12.39 -0.08
N THR C 154 31.83 -12.93 -1.05
CA THR C 154 33.27 -12.75 -1.06
C THR C 154 33.62 -11.26 -1.17
N GLU C 155 32.72 -10.47 -1.78
CA GLU C 155 32.92 -9.05 -1.98
C GLU C 155 33.22 -8.34 -0.65
N THR C 156 32.50 -8.68 0.42
CA THR C 156 32.57 -7.94 1.67
C THR C 156 32.86 -8.87 2.85
N ALA C 157 33.44 -10.05 2.59
CA ALA C 157 33.60 -11.07 3.60
C ALA C 157 34.77 -10.75 4.52
N ARG C 158 34.66 -11.16 5.79
CA ARG C 158 35.74 -11.06 6.75
C ARG C 158 36.63 -12.29 6.59
N GLU C 159 37.89 -12.20 7.02
CA GLU C 159 38.87 -13.24 6.75
C GLU C 159 38.51 -14.56 7.43
N VAL C 160 37.86 -14.52 8.59
CA VAL C 160 37.44 -15.76 9.26
C VAL C 160 36.33 -16.43 8.46
N GLN C 161 35.54 -15.64 7.73
CA GLN C 161 34.42 -16.18 6.98
C GLN C 161 34.88 -16.80 5.66
N ARG C 162 36.09 -16.42 5.21
CA ARG C 162 36.50 -16.62 3.83
C ARG C 162 36.77 -18.10 3.55
N PRO C 163 37.42 -18.89 4.44
CA PRO C 163 37.58 -20.32 4.21
C PRO C 163 36.26 -21.06 3.97
N SER C 164 35.23 -20.72 4.76
CA SER C 164 33.93 -21.36 4.67
C SER C 164 33.32 -21.09 3.29
N ILE C 165 33.34 -19.83 2.86
CA ILE C 165 32.73 -19.41 1.61
C ILE C 165 33.45 -20.09 0.44
N ASP C 166 34.78 -20.16 0.50
CA ASP C 166 35.57 -20.75 -0.57
C ASP C 166 35.27 -22.25 -0.69
N ALA C 167 35.21 -22.95 0.44
CA ALA C 167 34.90 -24.37 0.44
C ALA C 167 33.54 -24.61 -0.22
N HIS C 168 32.57 -23.74 0.08
CA HIS C 168 31.24 -23.89 -0.47
C HIS C 168 31.24 -23.64 -1.98
N LEU C 169 32.00 -22.64 -2.44
CA LEU C 169 32.06 -22.31 -3.85
C LEU C 169 32.63 -23.48 -4.65
N LEU C 170 33.67 -24.15 -4.12
CA LEU C 170 34.23 -25.29 -4.81
C LEU C 170 33.17 -26.37 -4.96
N TRP C 171 32.45 -26.66 -3.86
CA TRP C 171 31.47 -27.73 -3.85
C TRP C 171 30.38 -27.43 -4.88
N LEU C 172 29.92 -26.17 -4.92
CA LEU C 172 28.84 -25.77 -5.80
C LEU C 172 29.30 -25.80 -7.27
N GLU C 173 30.57 -25.48 -7.53
CA GLU C 173 31.09 -25.50 -8.89
C GLU C 173 31.16 -26.93 -9.39
N ALA C 174 31.54 -27.87 -8.52
CA ALA C 174 31.65 -29.27 -8.91
C ALA C 174 30.26 -29.84 -9.19
N GLU C 175 29.28 -29.43 -8.38
CA GLU C 175 27.94 -29.97 -8.45
C GLU C 175 27.24 -29.46 -9.71
N LEU C 176 27.44 -28.16 -10.04
CA LEU C 176 26.91 -27.59 -11.27
C LEU C 176 27.48 -28.33 -12.48
N LYS C 177 28.77 -28.67 -12.45
CA LYS C 177 29.40 -29.34 -13.57
C LYS C 177 28.83 -30.76 -13.71
N ARG C 178 28.50 -31.40 -12.59
CA ARG C 178 27.94 -32.74 -12.60
C ARG C 178 26.56 -32.73 -13.25
N LEU C 179 25.71 -31.77 -12.86
CA LEU C 179 24.37 -31.64 -13.44
C LEU C 179 24.47 -31.42 -14.94
N GLU C 180 25.31 -30.47 -15.38
CA GLU C 180 25.48 -30.17 -16.79
C GLU C 180 25.71 -31.47 -17.56
N LYS C 181 26.55 -32.37 -17.04
CA LYS C 181 26.86 -33.63 -17.71
C LYS C 181 25.65 -34.56 -17.68
N GLN C 182 24.90 -34.52 -16.58
CA GLN C 182 23.70 -35.34 -16.43
C GLN C 182 22.63 -34.86 -17.42
N ILE C 183 22.57 -33.55 -17.66
CA ILE C 183 21.66 -32.98 -18.64
C ILE C 183 22.10 -33.42 -20.04
N LYS C 184 23.41 -33.38 -20.31
CA LYS C 184 23.94 -33.72 -21.62
C LYS C 184 23.67 -35.19 -21.93
N ASP C 185 23.90 -36.07 -20.94
CA ASP C 185 23.69 -37.50 -21.12
C ASP C 185 22.23 -37.78 -21.45
N LEU C 186 21.31 -37.01 -20.85
CA LEU C 186 19.88 -37.19 -21.06
C LEU C 186 19.52 -36.89 -22.52
N THR C 187 19.97 -35.74 -23.04
CA THR C 187 19.58 -35.32 -24.37
C THR C 187 20.31 -36.16 -25.43
N ASP C 188 21.52 -36.63 -25.14
CA ASP C 188 22.28 -37.43 -26.10
C ASP C 188 21.67 -38.81 -26.27
N ASP C 189 21.04 -39.35 -25.21
CA ASP C 189 20.53 -40.71 -25.23
C ASP C 189 19.24 -40.80 -26.02
N ASP C 190 18.47 -39.70 -26.08
CA ASP C 190 17.23 -39.67 -26.84
C ASP C 190 17.49 -39.08 -28.23
N PRO C 191 17.24 -39.81 -29.34
CA PRO C 191 17.53 -39.30 -30.68
C PRO C 191 16.82 -37.99 -31.02
N ASP C 192 15.57 -37.87 -30.56
CA ASP C 192 14.77 -36.68 -30.83
C ASP C 192 15.40 -35.47 -30.14
N MET C 193 15.60 -35.56 -28.81
CA MET C 193 16.18 -34.47 -28.03
C MET C 193 17.57 -34.11 -28.54
N LYS C 194 18.37 -35.11 -28.91
CA LYS C 194 19.71 -34.86 -29.43
C LYS C 194 19.63 -33.98 -30.67
N HIS C 195 18.68 -34.27 -31.56
CA HIS C 195 18.54 -33.57 -32.82
C HIS C 195 17.95 -32.18 -32.59
N ARG C 196 16.97 -32.08 -31.68
CA ARG C 196 16.29 -30.81 -31.45
C ARG C 196 17.22 -29.83 -30.74
N ARG C 197 18.17 -30.36 -29.96
CA ARG C 197 19.11 -29.51 -29.22
C ARG C 197 20.16 -28.94 -30.16
N LYS C 198 20.57 -29.75 -31.15
CA LYS C 198 21.58 -29.35 -32.11
C LYS C 198 21.05 -28.21 -32.97
N LEU C 199 19.74 -28.22 -33.25
CA LEU C 199 19.09 -27.18 -34.03
C LEU C 199 19.06 -25.88 -33.23
N LEU C 200 18.67 -25.96 -31.96
CA LEU C 200 18.56 -24.77 -31.12
C LEU C 200 19.92 -24.08 -30.98
N GLU C 201 21.00 -24.86 -30.94
CA GLU C 201 22.33 -24.30 -30.70
C GLU C 201 22.85 -23.58 -31.95
N SER C 202 22.31 -23.95 -33.13
CA SER C 202 22.73 -23.32 -34.39
C SER C 202 22.32 -21.84 -34.42
N ILE C 203 21.36 -21.43 -33.59
CA ILE C 203 20.98 -20.04 -33.50
C ILE C 203 22.13 -19.27 -32.85
N PRO C 204 22.68 -18.19 -33.48
CA PRO C 204 23.70 -17.36 -32.84
C PRO C 204 23.18 -16.62 -31.61
N GLY C 205 23.80 -16.88 -30.46
CA GLY C 205 23.37 -16.31 -29.20
C GLY C 205 22.77 -17.36 -28.27
N ILE C 206 22.64 -18.61 -28.75
CA ILE C 206 22.10 -19.70 -27.96
C ILE C 206 23.14 -20.80 -27.86
N GLY C 207 23.53 -21.15 -26.63
CA GLY C 207 24.58 -22.12 -26.36
C GLY C 207 24.06 -23.30 -25.55
N GLU C 208 24.98 -24.04 -24.89
CA GLU C 208 24.65 -25.23 -24.14
C GLU C 208 23.58 -24.95 -23.08
N LYS C 209 23.78 -23.91 -22.28
CA LYS C 209 22.89 -23.68 -21.15
C LYS C 209 21.48 -23.38 -21.65
N THR C 210 21.36 -22.48 -22.63
CA THR C 210 20.05 -21.96 -23.04
C THR C 210 19.30 -22.98 -23.89
N SER C 211 20.02 -23.84 -24.63
CA SER C 211 19.37 -24.86 -25.43
C SER C 211 18.62 -25.84 -24.54
N ALA C 212 19.20 -26.19 -23.38
CA ALA C 212 18.59 -27.14 -22.47
C ALA C 212 17.37 -26.51 -21.79
N VAL C 213 17.43 -25.22 -21.47
CA VAL C 213 16.30 -24.53 -20.86
C VAL C 213 15.15 -24.47 -21.88
N LEU C 214 15.45 -24.05 -23.12
CA LEU C 214 14.43 -23.90 -24.15
C LEU C 214 13.73 -25.24 -24.37
N LEU C 215 14.53 -26.30 -24.51
CA LEU C 215 14.01 -27.62 -24.77
C LEU C 215 13.18 -28.14 -23.59
N ALA C 216 13.53 -27.74 -22.36
CA ALA C 216 12.81 -28.13 -21.17
C ALA C 216 11.37 -27.61 -21.18
N TYR C 217 11.17 -26.42 -21.77
CA TYR C 217 9.87 -25.76 -21.72
C TYR C 217 9.10 -25.95 -23.02
N ILE C 218 9.79 -26.25 -24.13
CA ILE C 218 9.12 -26.52 -25.40
C ILE C 218 8.61 -27.96 -25.39
N GLY C 219 9.47 -28.92 -25.03
CA GLY C 219 9.10 -30.32 -24.96
C GLY C 219 9.61 -31.11 -26.17
N LEU C 220 9.16 -32.36 -26.29
CA LEU C 220 9.53 -33.26 -27.38
C LEU C 220 8.66 -33.02 -28.61
N LYS C 221 7.36 -32.80 -28.37
CA LYS C 221 6.40 -32.62 -29.45
C LYS C 221 6.18 -31.13 -29.66
N ASP C 222 5.47 -30.78 -30.74
CA ASP C 222 5.17 -29.40 -31.08
C ASP C 222 3.79 -29.04 -30.49
N ARG C 223 3.77 -28.79 -29.17
CA ARG C 223 2.54 -28.57 -28.43
C ARG C 223 1.99 -27.16 -28.69
N PHE C 224 2.76 -26.28 -29.34
CA PHE C 224 2.28 -24.96 -29.72
C PHE C 224 2.05 -24.95 -31.23
N ALA C 225 0.97 -24.31 -31.67
CA ALA C 225 0.62 -24.29 -33.09
C ALA C 225 1.47 -23.26 -33.82
N HIS C 226 1.67 -22.09 -33.20
CA HIS C 226 2.44 -21.01 -33.80
C HIS C 226 3.54 -20.56 -32.85
N ALA C 227 4.67 -20.11 -33.43
CA ALA C 227 5.82 -19.68 -32.67
C ALA C 227 5.46 -18.58 -31.69
N ARG C 228 4.58 -17.65 -32.11
CA ARG C 228 4.22 -16.49 -31.31
C ARG C 228 3.51 -16.93 -30.02
N GLN C 229 2.86 -18.09 -30.04
CA GLN C 229 2.24 -18.63 -28.83
C GLN C 229 3.31 -18.98 -27.78
N PHE C 230 4.45 -19.54 -28.23
CA PHE C 230 5.52 -19.85 -27.31
C PHE C 230 6.13 -18.58 -26.74
N ALA C 231 6.17 -17.50 -27.52
CA ALA C 231 6.72 -16.24 -27.02
C ALA C 231 5.78 -15.63 -25.98
N ALA C 232 4.47 -15.82 -26.17
CA ALA C 232 3.47 -15.46 -25.18
C ALA C 232 3.63 -16.31 -23.92
N PHE C 233 3.84 -17.63 -24.12
CA PHE C 233 4.04 -18.58 -23.03
C PHE C 233 5.12 -18.09 -22.08
N ALA C 234 6.20 -17.49 -22.61
CA ALA C 234 7.35 -17.12 -21.80
C ALA C 234 7.11 -15.81 -21.06
N GLY C 235 6.03 -15.10 -21.39
CA GLY C 235 5.68 -13.86 -20.71
C GLY C 235 6.36 -12.65 -21.35
N LEU C 236 6.70 -12.78 -22.65
CA LEU C 236 7.58 -11.84 -23.33
C LEU C 236 6.83 -10.87 -24.25
N THR C 237 5.54 -11.08 -24.52
CA THR C 237 4.83 -10.23 -25.45
C THR C 237 4.35 -8.98 -24.71
N PRO C 238 4.29 -7.80 -25.37
CA PRO C 238 3.86 -6.57 -24.70
C PRO C 238 2.36 -6.51 -24.44
N ARG C 239 1.97 -5.61 -23.53
CA ARG C 239 0.58 -5.45 -23.11
C ARG C 239 0.24 -3.95 -23.11
N ARG C 252 4.51 -2.24 -21.80
CA ARG C 252 5.17 -3.14 -20.81
C ARG C 252 4.98 -4.61 -21.22
N MET C 253 5.95 -5.45 -20.87
CA MET C 253 5.86 -6.89 -21.05
C MET C 253 4.83 -7.47 -20.08
N SER C 254 4.04 -8.44 -20.54
CA SER C 254 2.96 -9.01 -19.75
C SER C 254 3.53 -9.67 -18.49
N LYS C 255 4.64 -10.40 -18.65
CA LYS C 255 5.21 -11.23 -17.61
C LYS C 255 4.20 -12.28 -17.15
N ALA C 256 3.26 -12.64 -18.04
CA ALA C 256 2.37 -13.77 -17.81
C ALA C 256 3.04 -15.01 -18.39
N GLY C 257 4.01 -15.55 -17.64
CA GLY C 257 4.76 -16.72 -18.07
C GLY C 257 5.84 -17.07 -17.07
N HIS C 258 6.51 -18.21 -17.30
CA HIS C 258 7.54 -18.71 -16.41
C HIS C 258 8.69 -17.70 -16.29
N VAL C 259 8.93 -17.22 -15.07
CA VAL C 259 10.10 -16.39 -14.75
C VAL C 259 11.38 -17.13 -15.12
N SER C 260 11.41 -18.46 -14.91
CA SER C 260 12.63 -19.23 -15.07
C SER C 260 13.01 -19.32 -16.54
N LEU C 261 12.02 -19.39 -17.42
CA LEU C 261 12.24 -19.40 -18.86
C LEU C 261 12.66 -18.01 -19.32
N ARG C 262 11.99 -16.98 -18.79
CA ARG C 262 12.16 -15.61 -19.24
C ARG C 262 13.54 -15.10 -18.82
N ARG C 263 13.96 -15.38 -17.58
CA ARG C 263 15.24 -14.92 -17.08
C ARG C 263 16.39 -15.57 -17.85
N ALA C 264 16.17 -16.78 -18.37
CA ALA C 264 17.21 -17.54 -19.04
C ALA C 264 17.54 -16.97 -20.43
N LEU C 265 16.75 -16.01 -20.93
CA LEU C 265 16.94 -15.50 -22.28
C LEU C 265 17.65 -14.14 -22.28
N TYR C 266 17.83 -13.54 -21.09
CA TYR C 266 18.32 -12.17 -21.00
C TYR C 266 19.78 -12.08 -21.45
N MET C 267 20.67 -12.92 -20.93
CA MET C 267 22.08 -12.85 -21.30
C MET C 267 22.25 -13.33 -22.75
N PRO C 268 21.57 -14.40 -23.24
CA PRO C 268 21.60 -14.71 -24.67
C PRO C 268 21.16 -13.55 -25.57
N ALA C 269 20.24 -12.71 -25.08
CA ALA C 269 19.81 -11.53 -25.83
C ALA C 269 20.97 -10.54 -25.95
N MET C 270 21.69 -10.29 -24.84
CA MET C 270 22.81 -9.35 -24.88
C MET C 270 23.89 -9.83 -25.85
N VAL C 271 24.19 -11.13 -25.82
CA VAL C 271 25.23 -11.69 -26.66
C VAL C 271 24.83 -11.50 -28.12
N ALA C 272 23.55 -11.73 -28.42
CA ALA C 272 23.05 -11.65 -29.78
C ALA C 272 23.22 -10.21 -30.29
N THR C 273 22.64 -9.25 -29.56
CA THR C 273 22.60 -7.86 -30.00
C THR C 273 24.01 -7.27 -30.06
N SER C 274 25.00 -7.92 -29.44
CA SER C 274 26.34 -7.36 -29.32
C SER C 274 27.34 -8.05 -30.23
N LYS C 275 27.22 -9.37 -30.44
CA LYS C 275 28.30 -10.15 -31.04
C LYS C 275 27.85 -11.00 -32.22
N THR C 276 26.64 -10.77 -32.76
CA THR C 276 26.18 -11.54 -33.91
C THR C 276 25.71 -10.57 -34.99
N GLU C 277 25.80 -11.02 -36.26
CA GLU C 277 25.37 -10.19 -37.38
C GLU C 277 23.88 -9.90 -37.27
N TRP C 278 23.07 -10.97 -37.15
CA TRP C 278 21.62 -10.84 -37.17
C TRP C 278 21.15 -10.07 -35.93
N GLY C 279 21.89 -10.19 -34.83
CA GLY C 279 21.56 -9.51 -33.59
C GLY C 279 21.81 -8.01 -33.68
N ARG C 280 23.01 -7.64 -34.16
CA ARG C 280 23.39 -6.24 -34.32
C ARG C 280 22.42 -5.54 -35.28
N ALA C 281 22.11 -6.21 -36.40
CA ALA C 281 21.16 -5.69 -37.38
C ALA C 281 19.85 -5.33 -36.70
N PHE C 282 19.35 -6.22 -35.82
CA PHE C 282 18.11 -6.00 -35.11
C PHE C 282 18.26 -4.84 -34.13
N ARG C 283 19.40 -4.80 -33.43
CA ARG C 283 19.66 -3.79 -32.41
C ARG C 283 19.69 -2.40 -33.05
N ASP C 284 20.39 -2.29 -34.19
CA ASP C 284 20.57 -1.02 -34.89
C ASP C 284 19.22 -0.49 -35.38
N ARG C 285 18.42 -1.36 -36.01
CA ARG C 285 17.13 -0.97 -36.58
C ARG C 285 16.23 -0.36 -35.49
N LEU C 286 16.27 -0.92 -34.28
CA LEU C 286 15.47 -0.41 -33.18
C LEU C 286 16.13 0.81 -32.56
N ALA C 287 17.48 0.84 -32.58
CA ALA C 287 18.23 1.99 -32.07
C ALA C 287 17.91 3.22 -32.90
N ALA C 288 17.84 3.04 -34.23
CA ALA C 288 17.48 4.10 -35.15
C ALA C 288 16.14 4.72 -34.76
N ASN C 289 15.18 3.89 -34.35
CA ASN C 289 13.83 4.34 -34.03
C ASN C 289 13.75 4.80 -32.57
N GLY C 290 14.91 4.99 -31.93
CA GLY C 290 14.97 5.62 -30.63
C GLY C 290 14.45 4.71 -29.52
N LYS C 291 15.01 3.51 -29.44
CA LYS C 291 14.68 2.54 -28.39
C LYS C 291 15.88 2.41 -27.46
N LYS C 292 15.61 2.36 -26.15
CA LYS C 292 16.67 2.34 -25.15
C LYS C 292 17.21 0.92 -24.98
N GLY C 293 18.33 0.81 -24.24
CA GLY C 293 19.13 -0.40 -24.17
C GLY C 293 18.31 -1.64 -23.80
N LYS C 294 17.63 -1.58 -22.66
CA LYS C 294 16.88 -2.72 -22.15
C LYS C 294 15.66 -3.01 -23.02
N VAL C 295 15.01 -1.95 -23.53
CA VAL C 295 13.84 -2.12 -24.38
C VAL C 295 14.20 -2.99 -25.58
N ILE C 296 15.41 -2.80 -26.12
CA ILE C 296 15.87 -3.61 -27.24
C ILE C 296 16.07 -5.06 -26.76
N LEU C 297 16.72 -5.24 -25.61
CA LEU C 297 16.96 -6.56 -25.05
C LEU C 297 15.62 -7.29 -24.84
N GLY C 298 14.64 -6.58 -24.27
CA GLY C 298 13.28 -7.08 -24.19
C GLY C 298 12.78 -7.62 -25.53
N ALA C 299 12.94 -6.82 -26.59
CA ALA C 299 12.49 -7.22 -27.92
C ALA C 299 13.27 -8.44 -28.42
N MET C 300 14.58 -8.49 -28.12
CA MET C 300 15.42 -9.59 -28.59
C MET C 300 15.09 -10.89 -27.84
N MET C 301 14.70 -10.77 -26.57
CA MET C 301 14.28 -11.92 -25.79
C MET C 301 13.06 -12.55 -26.46
N ARG C 302 12.04 -11.73 -26.75
CA ARG C 302 10.85 -12.17 -27.45
C ARG C 302 11.20 -12.77 -28.81
N LYS C 303 12.20 -12.20 -29.50
CA LYS C 303 12.58 -12.66 -30.82
C LYS C 303 13.27 -14.01 -30.75
N LEU C 304 14.17 -14.19 -29.78
CA LEU C 304 14.85 -15.47 -29.61
C LEU C 304 13.84 -16.58 -29.34
N ALA C 305 12.87 -16.33 -28.45
CA ALA C 305 11.85 -17.31 -28.12
C ALA C 305 11.15 -17.76 -29.39
N GLN C 306 10.74 -16.78 -30.20
CA GLN C 306 9.97 -17.02 -31.41
C GLN C 306 10.81 -17.75 -32.45
N VAL C 307 12.09 -17.36 -32.60
CA VAL C 307 12.93 -17.97 -33.62
C VAL C 307 13.29 -19.40 -33.21
N ALA C 308 13.48 -19.63 -31.90
CA ALA C 308 13.79 -20.96 -31.40
C ALA C 308 12.67 -21.94 -31.78
N TYR C 309 11.41 -21.55 -31.55
CA TYR C 309 10.28 -22.41 -31.87
C TYR C 309 10.19 -22.60 -33.38
N GLY C 310 10.33 -21.51 -34.13
CA GLY C 310 10.32 -21.55 -35.59
C GLY C 310 11.35 -22.52 -36.15
N VAL C 311 12.58 -22.49 -35.65
CA VAL C 311 13.65 -23.33 -36.16
C VAL C 311 13.32 -24.80 -35.90
N LEU C 312 12.67 -25.10 -34.78
CA LEU C 312 12.35 -26.48 -34.44
C LEU C 312 11.26 -27.01 -35.38
N LYS C 313 10.27 -26.17 -35.71
CA LYS C 313 9.23 -26.54 -36.67
C LYS C 313 9.88 -26.86 -38.02
N SER C 314 10.82 -26.02 -38.45
CA SER C 314 11.43 -26.16 -39.77
C SER C 314 12.20 -27.47 -39.88
N GLY C 315 12.84 -27.88 -38.77
CA GLY C 315 13.61 -29.11 -38.74
C GLY C 315 14.98 -28.94 -39.39
N VAL C 316 15.40 -27.68 -39.58
CA VAL C 316 16.55 -27.33 -40.40
C VAL C 316 17.40 -26.31 -39.61
N PRO C 317 18.75 -26.35 -39.69
CA PRO C 317 19.58 -25.33 -39.05
C PRO C 317 19.14 -23.88 -39.26
N PHE C 318 19.56 -23.01 -38.35
CA PHE C 318 19.27 -21.59 -38.43
C PHE C 318 19.84 -21.03 -39.73
N ASP C 319 18.98 -20.33 -40.48
CA ASP C 319 19.37 -19.66 -41.71
C ASP C 319 19.23 -18.15 -41.51
N ALA C 320 20.34 -17.43 -41.59
CA ALA C 320 20.37 -16.00 -41.30
C ALA C 320 19.65 -15.21 -42.39
N SER C 321 19.61 -15.78 -43.61
CA SER C 321 19.01 -15.12 -44.77
C SER C 321 17.57 -14.70 -44.49
N ARG C 322 16.88 -15.42 -43.60
CA ARG C 322 15.50 -15.13 -43.26
C ARG C 322 15.38 -13.86 -42.43
N HIS C 323 16.49 -13.36 -41.90
CA HIS C 323 16.49 -12.20 -41.03
C HIS C 323 17.47 -11.16 -41.60
N LEU D 7 37.13 23.61 17.52
CA LEU D 7 36.60 22.30 17.08
C LEU D 7 35.93 22.46 15.71
N HIS D 8 36.37 21.64 14.75
CA HIS D 8 35.78 21.62 13.41
C HIS D 8 34.70 20.54 13.37
N TYR D 9 33.88 20.58 12.31
CA TYR D 9 32.84 19.58 12.10
C TYR D 9 32.97 19.06 10.67
N ILE D 10 33.25 17.76 10.55
CA ILE D 10 33.55 17.16 9.25
C ILE D 10 32.49 16.12 8.94
N GLY D 11 31.94 16.20 7.71
CA GLY D 11 31.06 15.17 7.18
C GLY D 11 31.78 14.40 6.08
N ILE D 12 31.64 13.07 6.06
CA ILE D 12 32.20 12.26 5.00
C ILE D 12 31.07 11.45 4.36
N ASP D 13 30.91 11.62 3.04
CA ASP D 13 29.97 10.85 2.25
C ASP D 13 30.77 9.73 1.57
N THR D 14 30.39 8.47 1.81
CA THR D 14 31.22 7.33 1.47
C THR D 14 30.62 6.58 0.29
N ALA D 15 31.51 6.06 -0.57
CA ALA D 15 31.15 5.14 -1.63
C ALA D 15 32.24 4.07 -1.70
N LYS D 16 32.07 3.09 -2.60
CA LYS D 16 33.04 2.00 -2.74
C LYS D 16 34.43 2.56 -3.04
N GLU D 17 34.50 3.51 -3.98
CA GLU D 17 35.76 3.93 -4.58
C GLU D 17 36.20 5.31 -4.10
N LYS D 18 35.24 6.21 -3.81
CA LYS D 18 35.55 7.61 -3.56
C LYS D 18 34.97 8.08 -2.24
N LEU D 19 35.72 8.93 -1.53
CA LEU D 19 35.24 9.64 -0.36
C LEU D 19 34.99 11.10 -0.74
N ASP D 20 34.00 11.72 -0.10
CA ASP D 20 33.71 13.13 -0.31
C ASP D 20 33.64 13.81 1.06
N VAL D 21 34.54 14.79 1.27
CA VAL D 21 34.75 15.38 2.58
C VAL D 21 34.28 16.83 2.55
N ASP D 22 33.71 17.29 3.66
CA ASP D 22 33.26 18.66 3.82
C ASP D 22 33.57 19.11 5.24
N VAL D 23 34.48 20.10 5.36
CA VAL D 23 34.86 20.63 6.66
C VAL D 23 33.97 21.84 6.93
N LEU D 24 33.60 22.03 8.20
CA LEU D 24 32.86 23.20 8.63
C LEU D 24 33.64 23.89 9.74
N ARG D 25 34.19 25.07 9.42
CA ARG D 25 35.13 25.76 10.30
C ARG D 25 34.35 26.48 11.40
N PRO D 26 34.96 26.79 12.57
CA PRO D 26 34.32 27.61 13.59
C PRO D 26 33.76 28.93 13.05
N ASP D 27 34.48 29.53 12.09
CA ASP D 27 34.11 30.82 11.51
C ASP D 27 32.94 30.67 10.53
N GLY D 28 32.58 29.42 10.19
CA GLY D 28 31.36 29.17 9.43
C GLY D 28 31.63 28.98 7.94
N ARG D 29 32.91 28.88 7.55
CA ARG D 29 33.28 28.65 6.16
C ARG D 29 33.58 27.17 5.94
N HIS D 30 33.54 26.73 4.67
CA HIS D 30 33.66 25.32 4.32
C HIS D 30 34.97 25.07 3.57
N ARG D 31 35.51 23.86 3.75
CA ARG D 31 36.62 23.36 2.96
C ARG D 31 36.30 21.93 2.51
N THR D 32 36.27 21.72 1.18
CA THR D 32 35.79 20.47 0.60
C THR D 32 36.87 19.89 -0.31
N LYS D 33 36.94 18.55 -0.35
CA LYS D 33 37.87 17.83 -1.20
C LYS D 33 37.41 16.37 -1.29
N LYS D 34 37.70 15.73 -2.44
CA LYS D 34 37.40 14.33 -2.65
C LYS D 34 38.69 13.51 -2.57
N PHE D 35 38.56 12.24 -2.16
CA PHE D 35 39.70 11.36 -2.00
C PHE D 35 39.31 9.96 -2.49
N ALA D 36 40.33 9.14 -2.79
CA ALA D 36 40.12 7.74 -3.09
C ALA D 36 39.84 6.99 -1.79
N ASN D 37 39.05 5.91 -1.88
CA ASN D 37 38.69 5.12 -0.71
C ASN D 37 39.69 3.97 -0.59
N THR D 38 40.96 4.33 -0.40
CA THR D 38 42.07 3.39 -0.35
C THR D 38 42.96 3.76 0.84
N THR D 39 43.95 2.92 1.13
CA THR D 39 44.91 3.21 2.20
C THR D 39 45.68 4.49 1.87
N LYS D 40 46.06 4.64 0.59
CA LYS D 40 46.75 5.83 0.13
C LYS D 40 45.84 7.05 0.31
N GLY D 41 44.58 6.92 -0.12
CA GLY D 41 43.59 7.98 -0.01
C GLY D 41 43.38 8.43 1.43
N HIS D 42 43.37 7.48 2.37
CA HIS D 42 43.13 7.79 3.78
C HIS D 42 44.31 8.52 4.39
N ASP D 43 45.53 8.24 3.89
CA ASP D 43 46.72 8.92 4.35
C ASP D 43 46.75 10.35 3.81
N GLU D 44 46.33 10.52 2.55
CA GLU D 44 46.19 11.84 1.95
C GLU D 44 45.22 12.68 2.78
N LEU D 45 44.12 12.07 3.22
CA LEU D 45 43.08 12.77 3.98
C LEU D 45 43.66 13.32 5.29
N VAL D 46 44.32 12.46 6.07
CA VAL D 46 44.82 12.87 7.37
C VAL D 46 45.82 14.01 7.18
N SER D 47 46.70 13.88 6.18
CA SER D 47 47.69 14.90 5.89
C SER D 47 47.02 16.23 5.53
N TRP D 48 45.97 16.16 4.71
CA TRP D 48 45.26 17.34 4.24
C TRP D 48 44.56 18.06 5.38
N LEU D 49 44.09 17.30 6.38
CA LEU D 49 43.49 17.88 7.58
C LEU D 49 44.61 18.50 8.42
N LYS D 50 45.68 17.74 8.65
CA LYS D 50 46.79 18.16 9.48
C LYS D 50 47.49 19.36 8.83
N GLY D 51 47.43 19.42 7.50
CA GLY D 51 47.95 20.53 6.72
C GLY D 51 47.27 21.85 7.08
N HIS D 52 45.93 21.82 7.19
CA HIS D 52 45.13 23.01 7.47
C HIS D 52 45.00 23.23 8.98
N LYS D 53 45.89 22.60 9.77
CA LYS D 53 45.95 22.79 11.21
C LYS D 53 44.60 22.45 11.84
N ILE D 54 44.01 21.33 11.41
CA ILE D 54 42.78 20.81 12.00
C ILE D 54 43.18 19.66 12.92
N ASP D 55 43.38 19.97 14.21
CA ASP D 55 43.88 19.00 15.18
C ASP D 55 42.69 18.39 15.93
N HIS D 56 41.78 19.25 16.41
CA HIS D 56 40.54 18.81 17.02
C HIS D 56 39.43 18.87 15.97
N ALA D 57 38.68 17.76 15.84
CA ALA D 57 37.52 17.71 14.97
C ALA D 57 36.56 16.63 15.44
N HIS D 58 35.30 16.74 14.99
CA HIS D 58 34.30 15.72 15.20
C HIS D 58 33.78 15.29 13.82
N ILE D 59 34.17 14.08 13.38
CA ILE D 59 33.77 13.57 12.08
C ILE D 59 32.47 12.79 12.24
N CYS D 60 31.60 12.86 11.24
CA CYS D 60 30.36 12.10 11.22
C CYS D 60 30.23 11.38 9.89
N ILE D 61 30.11 10.05 9.95
CA ILE D 61 30.05 9.19 8.77
C ILE D 61 28.78 8.34 8.88
N GLU D 62 28.09 8.12 7.76
CA GLU D 62 26.98 7.17 7.72
C GLU D 62 27.52 5.75 7.81
N ALA D 63 26.72 4.86 8.41
CA ALA D 63 27.03 3.44 8.47
C ALA D 63 26.51 2.75 7.21
N THR D 64 27.31 2.80 6.14
CA THR D 64 26.88 2.33 4.83
C THR D 64 27.24 0.86 4.63
N GLY D 65 28.30 0.39 5.32
CA GLY D 65 28.66 -1.02 5.29
C GLY D 65 30.12 -1.23 5.63
N THR D 66 30.77 -2.15 4.92
CA THR D 66 32.15 -2.51 5.20
C THR D 66 33.11 -1.54 4.51
N TYR D 67 32.61 -0.78 3.53
CA TYR D 67 33.46 0.10 2.73
C TYR D 67 33.90 1.32 3.53
N MET D 68 33.12 1.72 4.54
CA MET D 68 33.41 2.93 5.29
C MET D 68 34.18 2.61 6.57
N GLU D 69 34.41 1.33 6.88
CA GLU D 69 35.05 0.96 8.13
C GLU D 69 36.54 1.37 8.14
N PRO D 70 37.34 1.10 7.09
CA PRO D 70 38.76 1.45 7.11
C PRO D 70 39.06 2.93 7.37
N VAL D 71 38.27 3.84 6.77
CA VAL D 71 38.49 5.27 6.93
C VAL D 71 38.10 5.67 8.36
N ALA D 72 37.04 5.07 8.92
CA ALA D 72 36.61 5.38 10.27
C ALA D 72 37.71 5.00 11.27
N GLU D 73 38.36 3.86 11.07
CA GLU D 73 39.43 3.40 11.95
C GLU D 73 40.67 4.27 11.77
N CYS D 74 40.91 4.73 10.54
CA CYS D 74 42.05 5.58 10.24
C CYS D 74 42.00 6.87 11.04
N LEU D 75 40.81 7.48 11.10
CA LEU D 75 40.61 8.79 11.71
C LEU D 75 40.57 8.66 13.22
N TYR D 76 39.93 7.59 13.72
CA TYR D 76 39.90 7.30 15.14
C TYR D 76 41.32 7.15 15.68
N ASP D 77 42.20 6.52 14.90
CA ASP D 77 43.59 6.32 15.28
C ASP D 77 44.35 7.65 15.19
N ALA D 78 44.01 8.48 14.21
CA ALA D 78 44.64 9.79 14.03
C ALA D 78 44.29 10.72 15.20
N GLY D 79 43.26 10.35 15.98
CA GLY D 79 42.98 10.99 17.26
C GLY D 79 41.68 11.80 17.26
N TYR D 80 41.00 11.85 16.11
CA TYR D 80 39.77 12.62 15.99
C TYR D 80 38.61 11.88 16.64
N ILE D 81 37.51 12.61 16.89
CA ILE D 81 36.27 12.02 17.38
C ILE D 81 35.44 11.59 16.16
N VAL D 82 35.11 10.31 16.10
CA VAL D 82 34.38 9.75 14.98
C VAL D 82 33.02 9.30 15.48
N SER D 83 31.95 9.72 14.79
CA SER D 83 30.62 9.21 15.02
C SER D 83 30.14 8.50 13.76
N VAL D 84 29.68 7.25 13.92
CA VAL D 84 29.17 6.48 12.81
C VAL D 84 27.67 6.35 13.00
N ILE D 85 26.89 6.95 12.10
CA ILE D 85 25.48 7.19 12.38
C ILE D 85 24.62 6.26 11.52
N ASN D 86 23.48 5.88 12.10
CA ASN D 86 22.46 5.07 11.46
C ASN D 86 21.98 5.80 10.21
N PRO D 87 22.01 5.20 9.01
CA PRO D 87 21.66 5.91 7.79
C PRO D 87 20.26 6.50 7.75
N ALA D 88 19.34 5.95 8.56
CA ALA D 88 17.97 6.44 8.57
C ALA D 88 17.87 7.77 9.31
N LEU D 89 18.81 8.03 10.23
CA LEU D 89 18.85 9.31 10.94
C LEU D 89 19.23 10.42 9.96
N GLY D 90 20.25 10.17 9.13
CA GLY D 90 20.68 11.13 8.11
C GLY D 90 19.53 11.51 7.18
N LYS D 91 18.78 10.51 6.71
CA LYS D 91 17.68 10.78 5.80
C LYS D 91 16.64 11.67 6.49
N ALA D 92 16.31 11.34 7.75
CA ALA D 92 15.31 12.08 8.51
C ALA D 92 15.81 13.50 8.82
N PHE D 93 17.12 13.65 9.05
CA PHE D 93 17.70 14.94 9.35
C PHE D 93 17.47 15.88 8.17
N ALA D 94 17.71 15.39 6.95
CA ALA D 94 17.52 16.19 5.74
C ALA D 94 16.08 16.71 5.67
N GLN D 95 15.10 15.87 6.03
CA GLN D 95 13.70 16.25 5.91
C GLN D 95 13.31 17.22 7.02
N SER D 96 14.12 17.30 8.08
CA SER D 96 13.89 18.25 9.16
C SER D 96 14.49 19.62 8.81
N GLU D 97 15.36 19.66 7.77
CA GLU D 97 16.05 20.88 7.40
C GLU D 97 15.25 21.66 6.36
N GLY D 98 14.21 21.05 5.78
CA GLY D 98 13.31 21.76 4.88
C GLY D 98 12.17 20.87 4.39
N LEU D 99 11.17 21.49 3.76
CA LEU D 99 9.96 20.80 3.35
C LEU D 99 10.11 20.23 1.93
N ARG D 100 11.04 20.78 1.14
CA ARG D 100 11.17 20.40 -0.26
C ARG D 100 12.62 20.02 -0.55
N ASN D 101 13.27 19.36 0.43
CA ASN D 101 14.66 18.94 0.29
C ASN D 101 14.73 17.68 -0.55
N LYS D 102 15.84 17.54 -1.29
CA LYS D 102 16.08 16.40 -2.17
C LYS D 102 16.09 15.12 -1.33
N THR D 103 14.97 14.37 -1.42
CA THR D 103 14.88 13.05 -0.81
C THR D 103 15.84 12.12 -1.55
N ASP D 104 16.34 11.11 -0.83
CA ASP D 104 17.28 10.13 -1.37
C ASP D 104 18.60 10.81 -1.72
N THR D 105 19.05 11.75 -0.88
CA THR D 105 20.34 12.40 -1.02
C THR D 105 20.78 12.97 0.32
N VAL D 106 21.90 12.46 0.85
CA VAL D 106 22.52 13.01 2.05
C VAL D 106 23.99 13.28 1.72
N ASP D 107 24.35 14.56 1.69
CA ASP D 107 25.65 15.02 1.22
C ASP D 107 26.60 15.10 2.41
N ALA D 108 27.89 15.27 2.13
CA ALA D 108 28.90 15.47 3.17
C ALA D 108 28.62 16.78 3.91
N ARG D 109 28.07 17.77 3.21
CA ARG D 109 27.71 19.05 3.81
C ARG D 109 26.61 18.84 4.85
N MET D 110 25.62 18.02 4.50
CA MET D 110 24.49 17.72 5.36
C MET D 110 24.97 16.97 6.61
N LEU D 111 26.01 16.15 6.46
CA LEU D 111 26.55 15.37 7.57
C LEU D 111 27.37 16.25 8.52
N ALA D 112 27.97 17.32 8.00
CA ALA D 112 28.73 18.22 8.85
C ALA D 112 27.77 19.00 9.76
N GLU D 113 26.65 19.43 9.19
CA GLU D 113 25.58 20.06 9.96
C GLU D 113 25.05 19.10 11.02
N PHE D 114 24.70 17.88 10.60
CA PHE D 114 24.24 16.86 11.53
C PHE D 114 25.18 16.81 12.73
N CYS D 115 26.48 16.73 12.45
CA CYS D 115 27.47 16.61 13.49
C CYS D 115 27.41 17.80 14.44
N ARG D 116 27.31 19.02 13.89
CA ARG D 116 27.34 20.24 14.68
C ARG D 116 26.12 20.31 15.60
N GLN D 117 24.93 20.08 15.03
CA GLN D 117 23.67 20.27 15.75
C GLN D 117 23.48 19.20 16.82
N LYS D 118 23.76 17.93 16.48
CA LYS D 118 23.40 16.82 17.34
C LYS D 118 24.54 16.38 18.26
N ARG D 119 25.79 16.72 17.91
CA ARG D 119 26.96 16.32 18.68
C ARG D 119 26.87 14.84 19.05
N PRO D 120 26.80 13.91 18.07
CA PRO D 120 26.49 12.52 18.36
C PRO D 120 27.55 11.81 19.20
N ALA D 121 27.16 10.68 19.82
CA ALA D 121 28.05 9.89 20.65
C ALA D 121 29.23 9.38 19.82
N ALA D 122 30.37 9.18 20.49
CA ALA D 122 31.59 8.74 19.83
C ALA D 122 31.51 7.25 19.53
N TRP D 123 32.20 6.84 18.48
CA TRP D 123 32.25 5.47 18.00
C TRP D 123 33.58 4.85 18.41
N GLU D 124 33.54 3.58 18.81
CA GLU D 124 34.74 2.85 19.21
C GLU D 124 34.86 1.60 18.35
N ALA D 125 36.03 1.43 17.72
CA ALA D 125 36.28 0.25 16.89
C ALA D 125 36.19 -1.00 17.76
N PRO D 126 35.51 -2.09 17.32
CA PRO D 126 35.33 -3.26 18.16
C PRO D 126 36.63 -4.00 18.41
N HIS D 127 36.67 -4.78 19.49
CA HIS D 127 37.81 -5.62 19.82
C HIS D 127 37.98 -6.65 18.70
N PRO D 128 39.22 -7.01 18.29
CA PRO D 128 39.42 -8.05 17.28
C PRO D 128 38.66 -9.35 17.55
N LEU D 129 38.47 -9.66 18.83
CA LEU D 129 37.81 -10.89 19.26
C LEU D 129 36.30 -10.76 19.07
N GLU D 130 35.76 -9.56 19.30
CA GLU D 130 34.35 -9.30 19.14
C GLU D 130 34.00 -9.36 17.65
N ARG D 131 34.90 -8.82 16.81
CA ARG D 131 34.73 -8.85 15.37
C ARG D 131 34.71 -10.29 14.86
N ALA D 132 35.63 -11.11 15.38
CA ALA D 132 35.74 -12.50 14.97
C ALA D 132 34.43 -13.23 15.28
N LEU D 133 33.99 -13.14 16.54
CA LEU D 133 32.82 -13.87 16.99
C LEU D 133 31.59 -13.47 16.18
N ARG D 134 31.45 -12.17 15.91
CA ARG D 134 30.29 -11.69 15.19
C ARG D 134 30.30 -12.24 13.76
N ALA D 135 31.49 -12.33 13.17
CA ALA D 135 31.65 -12.82 11.81
C ALA D 135 31.20 -14.27 11.72
N LEU D 136 31.61 -15.09 12.70
CA LEU D 136 31.30 -16.51 12.69
C LEU D 136 29.81 -16.73 12.90
N VAL D 137 29.19 -15.93 13.77
CA VAL D 137 27.78 -16.08 14.10
C VAL D 137 26.92 -15.72 12.89
N VAL D 138 27.27 -14.63 12.20
CA VAL D 138 26.57 -14.21 10.99
C VAL D 138 26.75 -15.25 9.88
N ARG D 139 27.95 -15.82 9.76
CA ARG D 139 28.18 -16.90 8.82
C ARG D 139 27.29 -18.09 9.18
N HIS D 140 27.23 -18.44 10.48
CA HIS D 140 26.45 -19.57 10.94
C HIS D 140 24.99 -19.40 10.53
N GLN D 141 24.47 -18.18 10.67
CA GLN D 141 23.07 -17.90 10.36
C GLN D 141 22.82 -18.06 8.87
N ALA D 142 23.78 -17.66 8.04
CA ALA D 142 23.63 -17.76 6.59
C ALA D 142 23.53 -19.23 6.17
N LEU D 143 24.34 -20.10 6.76
CA LEU D 143 24.32 -21.52 6.39
C LEU D 143 23.05 -22.19 6.91
N THR D 144 22.55 -21.75 8.07
CA THR D 144 21.28 -22.27 8.56
C THR D 144 20.18 -21.98 7.54
N ASP D 145 20.17 -20.76 6.98
CA ASP D 145 19.14 -20.36 6.04
C ASP D 145 19.22 -21.17 4.75
N MET D 146 20.44 -21.43 4.27
CA MET D 146 20.60 -22.28 3.09
C MET D 146 20.13 -23.69 3.40
N HIS D 147 20.43 -24.19 4.60
CA HIS D 147 20.02 -25.53 4.99
C HIS D 147 18.50 -25.62 5.01
N THR D 148 17.81 -24.55 5.40
CA THR D 148 16.35 -24.57 5.46
C THR D 148 15.78 -24.48 4.05
N GLN D 149 16.49 -23.79 3.15
CA GLN D 149 16.10 -23.74 1.75
C GLN D 149 16.06 -25.15 1.19
N GLU D 150 17.12 -25.93 1.42
CA GLU D 150 17.24 -27.25 0.83
C GLU D 150 16.28 -28.22 1.52
N LEU D 151 16.08 -28.05 2.83
CA LEU D 151 15.09 -28.87 3.54
C LEU D 151 13.72 -28.72 2.90
N ASN D 152 13.29 -27.47 2.69
CA ASN D 152 11.99 -27.19 2.09
C ASN D 152 11.86 -27.88 0.74
N ARG D 153 12.95 -27.98 -0.02
CA ARG D 153 12.90 -28.54 -1.35
C ARG D 153 12.68 -30.06 -1.34
N THR D 154 13.13 -30.78 -0.30
CA THR D 154 13.03 -32.23 -0.28
C THR D 154 11.57 -32.65 -0.31
N GLU D 155 10.69 -31.80 0.25
CA GLU D 155 9.26 -32.10 0.29
C GLU D 155 8.74 -32.40 -1.10
N THR D 156 8.93 -31.46 -2.04
CA THR D 156 8.25 -31.52 -3.33
C THR D 156 9.23 -31.86 -4.46
N ALA D 157 10.40 -32.44 -4.14
CA ALA D 157 11.44 -32.65 -5.13
C ALA D 157 11.09 -33.81 -6.04
N ARG D 158 11.52 -33.72 -7.31
CA ARG D 158 11.46 -34.84 -8.24
C ARG D 158 12.60 -35.81 -7.91
N GLU D 159 12.50 -37.06 -8.37
CA GLU D 159 13.47 -38.08 -8.01
C GLU D 159 14.87 -37.78 -8.56
N VAL D 160 14.97 -37.25 -9.79
CA VAL D 160 16.28 -36.92 -10.35
C VAL D 160 16.95 -35.85 -9.50
N GLN D 161 16.17 -35.02 -8.80
CA GLN D 161 16.71 -33.91 -8.03
C GLN D 161 17.22 -34.37 -6.67
N ARG D 162 16.71 -35.49 -6.14
CA ARG D 162 16.90 -35.82 -4.73
C ARG D 162 18.37 -36.12 -4.41
N PRO D 163 19.14 -36.88 -5.22
CA PRO D 163 20.55 -37.09 -4.93
C PRO D 163 21.33 -35.79 -4.73
N SER D 164 20.98 -34.76 -5.51
CA SER D 164 21.67 -33.49 -5.43
C SER D 164 21.33 -32.81 -4.10
N ILE D 165 20.05 -32.78 -3.73
CA ILE D 165 19.61 -32.09 -2.52
C ILE D 165 20.15 -32.82 -1.30
N ASP D 166 20.24 -34.15 -1.37
CA ASP D 166 20.75 -34.94 -0.26
C ASP D 166 22.24 -34.67 -0.05
N ALA D 167 23.02 -34.64 -1.14
CA ALA D 167 24.45 -34.37 -1.06
C ALA D 167 24.70 -33.00 -0.44
N HIS D 168 23.89 -32.01 -0.81
CA HIS D 168 24.10 -30.65 -0.33
C HIS D 168 23.76 -30.55 1.15
N LEU D 169 22.70 -31.26 1.59
CA LEU D 169 22.27 -31.22 2.99
C LEU D 169 23.35 -31.81 3.89
N LEU D 170 24.01 -32.89 3.46
CA LEU D 170 25.08 -33.49 4.25
C LEU D 170 26.25 -32.51 4.35
N TRP D 171 26.58 -31.85 3.24
CA TRP D 171 27.68 -30.90 3.22
C TRP D 171 27.39 -29.76 4.21
N LEU D 172 26.18 -29.21 4.18
CA LEU D 172 25.83 -28.04 4.97
C LEU D 172 25.76 -28.38 6.46
N GLU D 173 25.34 -29.60 6.80
CA GLU D 173 25.34 -30.05 8.18
C GLU D 173 26.77 -30.15 8.70
N ALA D 174 27.67 -30.77 7.93
CA ALA D 174 29.06 -30.90 8.36
C ALA D 174 29.67 -29.53 8.60
N GLU D 175 29.32 -28.56 7.75
CA GLU D 175 29.90 -27.23 7.80
C GLU D 175 29.36 -26.49 9.04
N LEU D 176 28.05 -26.62 9.29
CA LEU D 176 27.42 -26.03 10.46
C LEU D 176 28.05 -26.58 11.74
N LYS D 177 28.32 -27.88 11.78
CA LYS D 177 28.93 -28.50 12.93
C LYS D 177 30.34 -27.96 13.14
N ARG D 178 31.06 -27.69 12.05
CA ARG D 178 32.42 -27.20 12.11
C ARG D 178 32.46 -25.78 12.66
N LEU D 179 31.55 -24.90 12.20
CA LEU D 179 31.53 -23.51 12.64
C LEU D 179 31.20 -23.46 14.13
N GLU D 180 30.21 -24.26 14.54
CA GLU D 180 29.84 -24.37 15.94
C GLU D 180 31.08 -24.65 16.78
N LYS D 181 31.94 -25.57 16.33
CA LYS D 181 33.15 -25.90 17.07
C LYS D 181 34.10 -24.72 17.09
N GLN D 182 34.20 -24.01 15.95
CA GLN D 182 35.11 -22.89 15.81
C GLN D 182 34.68 -21.76 16.75
N ILE D 183 33.36 -21.54 16.86
CA ILE D 183 32.79 -20.55 17.77
C ILE D 183 33.11 -20.96 19.21
N LYS D 184 33.01 -22.25 19.52
CA LYS D 184 33.24 -22.75 20.88
C LYS D 184 34.70 -22.59 21.26
N ASP D 185 35.60 -22.82 20.30
CA ASP D 185 37.02 -22.72 20.54
C ASP D 185 37.43 -21.27 20.74
N LEU D 186 36.65 -20.35 20.14
CA LEU D 186 36.94 -18.93 20.26
C LEU D 186 36.62 -18.45 21.67
N THR D 187 35.45 -18.84 22.18
CA THR D 187 34.96 -18.31 23.45
C THR D 187 35.64 -19.02 24.63
N ASP D 188 36.15 -20.25 24.40
CA ASP D 188 36.82 -21.00 25.45
C ASP D 188 38.28 -20.57 25.62
N ASP D 189 38.84 -19.90 24.59
CA ASP D 189 40.24 -19.51 24.62
C ASP D 189 40.38 -18.09 25.20
N ASP D 190 39.24 -17.45 25.51
CA ASP D 190 39.24 -16.19 26.23
C ASP D 190 38.52 -16.38 27.56
N PRO D 191 39.17 -16.14 28.72
CA PRO D 191 38.58 -16.46 30.02
C PRO D 191 37.38 -15.59 30.40
N ASP D 192 37.31 -14.36 29.86
CA ASP D 192 36.17 -13.49 30.10
C ASP D 192 34.96 -14.01 29.33
N MET D 193 35.13 -14.28 28.02
CA MET D 193 34.06 -14.80 27.18
C MET D 193 33.63 -16.18 27.65
N LYS D 194 34.58 -17.00 28.11
CA LYS D 194 34.24 -18.32 28.61
C LYS D 194 33.29 -18.19 29.79
N HIS D 195 33.60 -17.25 30.69
CA HIS D 195 32.81 -17.04 31.90
C HIS D 195 31.45 -16.43 31.56
N ARG D 196 31.47 -15.42 30.68
CA ARG D 196 30.26 -14.69 30.32
C ARG D 196 29.28 -15.63 29.61
N ARG D 197 29.79 -16.56 28.81
CA ARG D 197 28.95 -17.45 28.03
C ARG D 197 28.28 -18.46 28.97
N LYS D 198 29.01 -18.89 29.99
CA LYS D 198 28.49 -19.82 30.98
C LYS D 198 27.34 -19.20 31.75
N LEU D 199 27.43 -17.89 32.03
CA LEU D 199 26.39 -17.17 32.76
C LEU D 199 25.14 -17.04 31.90
N LEU D 200 25.31 -16.79 30.60
CA LEU D 200 24.17 -16.66 29.70
C LEU D 200 23.40 -17.97 29.62
N GLU D 201 24.12 -19.09 29.53
CA GLU D 201 23.49 -20.39 29.33
C GLU D 201 22.82 -20.89 30.61
N SER D 202 23.04 -20.21 31.75
CA SER D 202 22.35 -20.57 32.98
C SER D 202 20.89 -20.11 32.95
N ILE D 203 20.55 -19.19 32.04
CA ILE D 203 19.18 -18.73 31.90
C ILE D 203 18.36 -19.84 31.23
N PRO D 204 17.22 -20.28 31.80
CA PRO D 204 16.40 -21.30 31.15
C PRO D 204 15.76 -20.80 29.86
N GLY D 205 16.10 -21.45 28.74
CA GLY D 205 15.60 -21.06 27.43
C GLY D 205 16.69 -20.48 26.55
N ILE D 206 17.90 -20.28 27.12
CA ILE D 206 19.04 -19.79 26.38
C ILE D 206 20.12 -20.87 26.39
N GLY D 207 20.51 -21.33 25.20
CA GLY D 207 21.48 -22.40 25.04
C GLY D 207 22.68 -21.96 24.21
N GLU D 208 23.34 -22.94 23.58
CA GLU D 208 24.63 -22.73 22.91
C GLU D 208 24.52 -21.72 21.77
N LYS D 209 23.43 -21.79 20.99
CA LYS D 209 23.36 -20.96 19.81
C LYS D 209 23.00 -19.52 20.17
N THR D 210 22.12 -19.33 21.16
CA THR D 210 21.67 -17.99 21.50
C THR D 210 22.75 -17.27 22.31
N SER D 211 23.51 -18.01 23.13
CA SER D 211 24.53 -17.38 23.97
C SER D 211 25.59 -16.73 23.10
N ALA D 212 25.96 -17.39 21.98
CA ALA D 212 26.96 -16.86 21.07
C ALA D 212 26.45 -15.57 20.43
N VAL D 213 25.19 -15.58 19.98
CA VAL D 213 24.62 -14.40 19.32
C VAL D 213 24.64 -13.24 20.32
N LEU D 214 24.27 -13.50 21.58
CA LEU D 214 24.17 -12.45 22.58
C LEU D 214 25.56 -11.85 22.83
N LEU D 215 26.57 -12.69 23.07
CA LEU D 215 27.93 -12.22 23.27
C LEU D 215 28.38 -11.35 22.09
N ALA D 216 28.03 -11.76 20.87
CA ALA D 216 28.45 -11.07 19.67
C ALA D 216 27.99 -9.61 19.65
N TYR D 217 26.87 -9.28 20.32
CA TYR D 217 26.29 -7.95 20.25
C TYR D 217 26.40 -7.20 21.57
N ILE D 218 26.55 -7.91 22.70
CA ILE D 218 26.87 -7.25 23.96
C ILE D 218 28.36 -6.93 23.97
N GLY D 219 29.19 -7.92 23.61
CA GLY D 219 30.63 -7.74 23.54
C GLY D 219 31.30 -8.09 24.88
N LEU D 220 32.55 -7.64 25.02
CA LEU D 220 33.36 -7.92 26.19
C LEU D 220 33.02 -6.95 27.31
N LYS D 221 32.96 -5.65 26.98
CA LYS D 221 32.68 -4.60 27.93
C LYS D 221 31.17 -4.47 28.10
N ASP D 222 30.76 -3.72 29.14
CA ASP D 222 29.37 -3.37 29.34
C ASP D 222 29.14 -1.95 28.79
N ARG D 223 28.72 -1.90 27.52
CA ARG D 223 28.64 -0.65 26.78
C ARG D 223 27.22 -0.06 26.85
N PHE D 224 26.29 -0.78 27.49
CA PHE D 224 24.98 -0.26 27.78
C PHE D 224 24.90 0.03 29.28
N ALA D 225 24.42 1.22 29.65
CA ALA D 225 24.33 1.60 31.04
C ALA D 225 23.22 0.81 31.73
N HIS D 226 22.14 0.50 30.99
CA HIS D 226 20.98 -0.16 31.57
C HIS D 226 20.44 -1.23 30.62
N ALA D 227 19.84 -2.27 31.20
CA ALA D 227 19.30 -3.39 30.45
C ALA D 227 18.18 -2.95 29.49
N ARG D 228 17.36 -1.96 29.92
CA ARG D 228 16.30 -1.46 29.05
C ARG D 228 16.88 -0.82 27.78
N GLN D 229 18.14 -0.38 27.80
CA GLN D 229 18.74 0.19 26.61
C GLN D 229 19.15 -0.91 25.62
N PHE D 230 19.59 -2.06 26.14
CA PHE D 230 19.91 -3.20 25.30
C PHE D 230 18.65 -3.75 24.64
N ALA D 231 17.51 -3.74 25.34
CA ALA D 231 16.28 -4.20 24.73
C ALA D 231 15.84 -3.24 23.62
N ALA D 232 16.05 -1.93 23.83
CA ALA D 232 15.81 -0.95 22.78
C ALA D 232 16.73 -1.22 21.60
N PHE D 233 18.00 -1.56 21.89
CA PHE D 233 19.00 -1.79 20.86
C PHE D 233 18.56 -2.92 19.92
N ALA D 234 17.85 -3.92 20.45
CA ALA D 234 17.44 -5.08 19.66
C ALA D 234 16.15 -4.78 18.89
N GLY D 235 15.44 -3.71 19.24
CA GLY D 235 14.19 -3.38 18.55
C GLY D 235 13.00 -4.12 19.17
N LEU D 236 13.09 -4.43 20.48
CA LEU D 236 12.13 -5.31 21.11
C LEU D 236 11.12 -4.55 21.96
N THR D 237 11.32 -3.24 22.18
CA THR D 237 10.44 -2.49 23.06
C THR D 237 9.16 -2.13 22.30
N PRO D 238 7.98 -2.01 22.98
CA PRO D 238 6.78 -1.53 22.32
C PRO D 238 6.85 -0.05 21.94
N ARG D 239 6.31 0.31 20.77
CA ARG D 239 6.29 1.68 20.30
C ARG D 239 4.93 2.28 20.65
N ARG D 240 4.91 3.20 21.62
CA ARG D 240 3.70 3.88 22.01
C ARG D 240 3.40 5.02 21.03
N TYR D 241 2.12 5.29 20.80
CA TYR D 241 1.69 6.30 19.85
C TYR D 241 0.42 6.98 20.38
N GLU D 242 0.59 8.14 21.02
CA GLU D 242 -0.50 8.85 21.66
C GLU D 242 -0.37 10.34 21.36
N SER D 243 -1.50 11.03 21.21
CA SER D 243 -1.52 12.48 21.18
C SER D 243 -2.91 13.00 21.54
N GLY D 244 -2.94 13.98 22.45
CA GLY D 244 -4.17 14.65 22.84
C GLY D 244 -5.24 13.65 23.28
N SER D 245 -6.48 13.88 22.87
CA SER D 245 -7.59 13.01 23.22
C SER D 245 -7.96 12.10 22.05
N SER D 246 -7.63 12.53 20.83
CA SER D 246 -8.14 11.89 19.62
C SER D 246 -7.19 10.79 19.14
N VAL D 247 -5.88 11.07 19.16
CA VAL D 247 -4.91 10.21 18.48
C VAL D 247 -4.44 9.12 19.45
N ARG D 248 -4.79 7.86 19.14
CA ARG D 248 -4.49 6.73 20.00
C ARG D 248 -4.17 5.50 19.14
N GLY D 249 -2.94 5.46 18.60
CA GLY D 249 -2.48 4.29 17.88
C GLY D 249 -2.27 3.11 18.81
N ALA D 250 -2.38 1.89 18.26
CA ALA D 250 -2.13 0.67 19.01
C ALA D 250 -0.62 0.43 19.12
N SER D 251 -0.17 -0.12 20.24
CA SER D 251 1.25 -0.37 20.44
C SER D 251 1.66 -1.58 19.61
N ARG D 252 2.95 -1.63 19.22
CA ARG D 252 3.50 -2.72 18.45
C ARG D 252 5.00 -2.79 18.71
N MET D 253 5.60 -3.95 18.44
CA MET D 253 7.04 -4.10 18.55
C MET D 253 7.68 -3.09 17.60
N SER D 254 8.62 -2.28 18.11
CA SER D 254 9.15 -1.18 17.34
C SER D 254 9.92 -1.69 16.12
N LYS D 255 10.70 -2.75 16.30
CA LYS D 255 11.53 -3.33 15.27
C LYS D 255 12.63 -2.36 14.83
N ALA D 256 12.80 -1.25 15.55
CA ALA D 256 13.89 -0.31 15.30
C ALA D 256 15.12 -0.73 16.09
N GLY D 257 15.88 -1.68 15.54
CA GLY D 257 17.05 -2.20 16.22
C GLY D 257 17.58 -3.43 15.49
N HIS D 258 18.63 -4.03 16.02
CA HIS D 258 19.43 -4.97 15.25
C HIS D 258 18.62 -6.24 14.98
N VAL D 259 18.52 -6.59 13.68
CA VAL D 259 17.69 -7.68 13.19
C VAL D 259 18.28 -9.02 13.60
N SER D 260 19.61 -9.14 13.66
CA SER D 260 20.27 -10.41 14.00
C SER D 260 20.01 -10.79 15.45
N LEU D 261 19.96 -9.80 16.36
CA LEU D 261 19.62 -10.06 17.75
C LEU D 261 18.17 -10.50 17.83
N ARG D 262 17.29 -9.70 17.24
CA ARG D 262 15.86 -9.95 17.32
C ARG D 262 15.56 -11.32 16.71
N ARG D 263 16.26 -11.67 15.61
CA ARG D 263 16.04 -12.93 14.92
C ARG D 263 16.29 -14.11 15.87
N ALA D 264 17.32 -13.99 16.70
CA ALA D 264 17.82 -15.11 17.49
C ALA D 264 16.98 -15.39 18.73
N LEU D 265 16.02 -14.52 19.08
CA LEU D 265 15.38 -14.63 20.38
C LEU D 265 13.98 -15.25 20.31
N TYR D 266 13.44 -15.48 19.12
CA TYR D 266 12.05 -15.94 19.00
C TYR D 266 11.90 -17.38 19.48
N MET D 267 12.81 -18.28 19.06
CA MET D 267 12.71 -19.67 19.45
C MET D 267 12.99 -19.83 20.95
N PRO D 268 14.06 -19.22 21.53
CA PRO D 268 14.21 -19.18 22.99
C PRO D 268 12.97 -18.72 23.74
N ALA D 269 12.31 -17.66 23.25
CA ALA D 269 11.10 -17.14 23.87
C ALA D 269 10.02 -18.21 23.89
N MET D 270 9.93 -18.98 22.81
CA MET D 270 8.94 -20.03 22.65
C MET D 270 9.27 -21.21 23.57
N VAL D 271 10.55 -21.45 23.82
CA VAL D 271 10.96 -22.50 24.76
C VAL D 271 10.70 -22.05 26.19
N ALA D 272 10.96 -20.76 26.49
CA ALA D 272 10.87 -20.26 27.84
C ALA D 272 9.42 -20.26 28.33
N THR D 273 8.48 -19.79 27.49
CA THR D 273 7.08 -19.67 27.90
C THR D 273 6.39 -21.03 27.89
N SER D 274 7.04 -22.07 27.36
CA SER D 274 6.42 -23.38 27.22
C SER D 274 6.96 -24.37 28.24
N LYS D 275 8.29 -24.43 28.42
CA LYS D 275 8.93 -25.58 29.04
C LYS D 275 9.64 -25.22 30.34
N THR D 276 9.27 -24.08 30.92
CA THR D 276 10.08 -23.48 31.96
C THR D 276 9.17 -22.81 32.99
N GLU D 277 9.61 -22.76 34.26
CA GLU D 277 8.81 -22.21 35.34
C GLU D 277 8.66 -20.71 35.18
N TRP D 278 9.78 -19.97 35.18
CA TRP D 278 9.74 -18.51 35.19
C TRP D 278 9.08 -17.99 33.91
N GLY D 279 9.19 -18.75 32.81
CA GLY D 279 8.59 -18.38 31.55
C GLY D 279 7.08 -18.63 31.54
N ARG D 280 6.68 -19.82 32.02
CA ARG D 280 5.25 -20.14 32.12
C ARG D 280 4.57 -19.18 33.10
N ALA D 281 5.28 -18.81 34.17
CA ALA D 281 4.78 -17.81 35.10
C ALA D 281 4.44 -16.52 34.34
N PHE D 282 5.35 -16.08 33.48
CA PHE D 282 5.19 -14.85 32.73
C PHE D 282 4.05 -14.99 31.72
N ARG D 283 4.01 -16.12 31.02
CA ARG D 283 2.99 -16.38 30.02
C ARG D 283 1.60 -16.32 30.63
N ASP D 284 1.43 -17.00 31.78
CA ASP D 284 0.12 -17.17 32.41
C ASP D 284 -0.43 -15.81 32.84
N ARG D 285 0.43 -14.95 33.37
CA ARG D 285 0.03 -13.63 33.83
C ARG D 285 -0.52 -12.82 32.66
N LEU D 286 0.23 -12.73 31.56
CA LEU D 286 -0.16 -11.91 30.42
C LEU D 286 -1.38 -12.54 29.73
N ALA D 287 -1.47 -13.88 29.73
CA ALA D 287 -2.59 -14.56 29.11
C ALA D 287 -3.88 -14.23 29.86
N ALA D 288 -3.80 -14.23 31.21
CA ALA D 288 -4.92 -13.82 32.06
C ALA D 288 -5.37 -12.40 31.68
N ASN D 289 -4.40 -11.53 31.45
CA ASN D 289 -4.66 -10.11 31.20
C ASN D 289 -5.06 -9.89 29.74
N GLY D 290 -5.24 -10.98 28.97
CA GLY D 290 -5.95 -10.92 27.70
C GLY D 290 -5.04 -10.89 26.47
N LYS D 291 -3.76 -11.22 26.63
CA LYS D 291 -2.79 -11.10 25.56
C LYS D 291 -2.78 -12.37 24.71
N LYS D 292 -2.62 -12.21 23.39
CA LYS D 292 -2.58 -13.32 22.46
C LYS D 292 -1.22 -14.03 22.55
N GLY D 293 -1.10 -15.20 21.92
CA GLY D 293 0.04 -16.07 22.04
C GLY D 293 1.33 -15.44 21.52
N LYS D 294 1.27 -14.83 20.33
CA LYS D 294 2.46 -14.28 19.69
C LYS D 294 2.80 -12.90 20.27
N VAL D 295 1.81 -12.26 20.89
CA VAL D 295 2.04 -11.04 21.65
C VAL D 295 2.87 -11.38 22.89
N ILE D 296 2.52 -12.49 23.55
CA ILE D 296 3.26 -12.93 24.73
C ILE D 296 4.69 -13.25 24.31
N LEU D 297 4.86 -13.86 23.14
CA LEU D 297 6.19 -14.22 22.66
C LEU D 297 7.04 -12.97 22.48
N GLY D 298 6.48 -11.92 21.88
CA GLY D 298 7.21 -10.67 21.73
C GLY D 298 7.60 -10.07 23.07
N ALA D 299 6.76 -10.23 24.10
CA ALA D 299 7.07 -9.73 25.42
C ALA D 299 8.18 -10.56 26.05
N MET D 300 8.16 -11.88 25.85
CA MET D 300 9.23 -12.74 26.34
C MET D 300 10.55 -12.44 25.62
N MET D 301 10.50 -12.08 24.34
CA MET D 301 11.70 -11.73 23.59
C MET D 301 12.39 -10.54 24.26
N ARG D 302 11.63 -9.48 24.56
CA ARG D 302 12.15 -8.32 25.27
C ARG D 302 12.67 -8.72 26.64
N LYS D 303 11.96 -9.61 27.34
CA LYS D 303 12.37 -10.01 28.69
C LYS D 303 13.70 -10.76 28.66
N LEU D 304 13.89 -11.69 27.70
CA LEU D 304 15.12 -12.47 27.63
C LEU D 304 16.30 -11.54 27.39
N ALA D 305 16.17 -10.65 26.41
CA ALA D 305 17.19 -9.65 26.14
C ALA D 305 17.61 -8.96 27.43
N GLN D 306 16.61 -8.52 28.21
CA GLN D 306 16.85 -7.68 29.38
C GLN D 306 17.46 -8.47 30.52
N VAL D 307 17.07 -9.75 30.68
CA VAL D 307 17.63 -10.61 31.71
C VAL D 307 19.04 -11.04 31.31
N ALA D 308 19.27 -11.27 30.01
CA ALA D 308 20.59 -11.60 29.52
C ALA D 308 21.59 -10.53 29.95
N TYR D 309 21.21 -9.25 29.81
CA TYR D 309 22.07 -8.13 30.17
C TYR D 309 22.17 -8.02 31.69
N GLY D 310 21.05 -8.25 32.38
CA GLY D 310 21.03 -8.20 33.83
C GLY D 310 21.96 -9.22 34.45
N VAL D 311 21.89 -10.48 33.99
CA VAL D 311 22.65 -11.58 34.55
C VAL D 311 24.15 -11.30 34.39
N LEU D 312 24.56 -10.84 33.20
CA LEU D 312 25.97 -10.58 32.93
C LEU D 312 26.49 -9.50 33.87
N LYS D 313 25.67 -8.46 34.09
CA LYS D 313 26.05 -7.33 34.92
C LYS D 313 26.12 -7.75 36.38
N SER D 314 25.23 -8.65 36.80
CA SER D 314 25.21 -9.17 38.16
C SER D 314 26.47 -9.98 38.43
N GLY D 315 26.92 -10.74 37.41
CA GLY D 315 28.14 -11.52 37.50
C GLY D 315 27.93 -12.88 38.15
N VAL D 316 26.67 -13.26 38.41
CA VAL D 316 26.36 -14.52 39.07
C VAL D 316 25.36 -15.28 38.19
N PRO D 317 25.24 -16.63 38.31
CA PRO D 317 24.24 -17.37 37.54
C PRO D 317 22.81 -16.90 37.72
N PHE D 318 21.94 -17.35 36.82
CA PHE D 318 20.52 -17.03 36.87
C PHE D 318 19.92 -17.54 38.17
N ASP D 319 19.37 -16.60 38.96
CA ASP D 319 18.64 -16.90 40.18
C ASP D 319 17.15 -16.79 39.90
N ALA D 320 16.42 -17.89 40.09
CA ALA D 320 14.99 -17.94 39.80
C ALA D 320 14.19 -17.13 40.81
N SER D 321 14.71 -17.01 42.04
CA SER D 321 13.99 -16.33 43.13
C SER D 321 13.65 -14.89 42.73
N ARG D 322 14.44 -14.30 41.83
CA ARG D 322 14.25 -12.93 41.39
C ARG D 322 13.03 -12.81 40.47
N HIS D 323 12.50 -13.94 40.00
CA HIS D 323 11.36 -13.95 39.09
C HIS D 323 10.23 -14.79 39.70
#